data_1M2S
#
_entry.id   1M2S
#
_cell.length_a   1.000
_cell.length_b   1.000
_cell.length_c   1.000
_cell.angle_alpha   90.00
_cell.angle_beta   90.00
_cell.angle_gamma   90.00
#
_symmetry.space_group_name_H-M   'P 1'
#
_entity_poly.entity_id   1
_entity_poly.type   'polypeptide(L)'
_entity_poly.pdbx_seq_one_letter_code
;FGLIDVKCFASSECWTACKKVTGSGQGKCQNNQCRCY
;
_entity_poly.pdbx_strand_id   A
#
# COMPACT_ATOMS: atom_id res chain seq x y z
N PHE A 1 3.05 4.20 9.77
CA PHE A 1 1.60 4.04 9.72
C PHE A 1 1.27 2.64 9.20
N GLY A 2 0.77 2.55 7.98
CA GLY A 2 0.53 1.28 7.33
C GLY A 2 1.86 0.73 6.85
N LEU A 3 2.23 -0.50 7.22
CA LEU A 3 3.30 -1.22 6.58
C LEU A 3 2.94 -2.69 6.44
N ILE A 4 3.10 -3.22 5.23
CA ILE A 4 2.53 -4.47 4.83
C ILE A 4 3.63 -5.24 4.09
N ASP A 5 3.42 -6.54 3.83
CA ASP A 5 4.21 -7.26 2.85
C ASP A 5 3.26 -8.00 1.91
N VAL A 6 2.86 -7.28 0.87
CA VAL A 6 2.34 -7.86 -0.35
C VAL A 6 3.04 -7.16 -1.51
N LYS A 7 3.41 -7.96 -2.51
CA LYS A 7 4.07 -7.57 -3.76
C LYS A 7 3.49 -6.28 -4.34
N CYS A 8 4.25 -5.17 -4.26
CA CYS A 8 3.91 -3.98 -5.03
C CYS A 8 4.11 -4.27 -6.50
N PHE A 9 3.14 -3.89 -7.33
CA PHE A 9 3.40 -3.67 -8.74
C PHE A 9 3.71 -2.19 -8.98
N ALA A 10 3.40 -1.32 -8.01
CA ALA A 10 3.53 0.12 -8.07
C ALA A 10 2.98 0.70 -6.78
N SER A 11 3.43 1.90 -6.41
CA SER A 11 2.86 2.66 -5.29
C SER A 11 1.34 2.78 -5.41
N SER A 12 0.84 2.99 -6.62
CA SER A 12 -0.57 3.16 -6.86
C SER A 12 -1.38 1.91 -6.49
N GLU A 13 -0.73 0.74 -6.41
CA GLU A 13 -1.41 -0.45 -5.96
C GLU A 13 -1.68 -0.36 -4.45
N CYS A 14 -0.64 -0.02 -3.68
CA CYS A 14 -0.67 0.16 -2.25
C CYS A 14 -1.86 1.00 -1.85
N TRP A 15 -2.26 1.88 -2.77
CA TRP A 15 -3.43 2.68 -2.55
C TRP A 15 -4.64 1.76 -2.48
N THR A 16 -4.98 1.08 -3.57
CA THR A 16 -6.03 0.08 -3.59
C THR A 16 -5.85 -0.96 -2.48
N ALA A 17 -4.63 -1.36 -2.12
CA ALA A 17 -4.44 -2.31 -1.03
C ALA A 17 -4.93 -1.73 0.29
N CYS A 18 -4.38 -0.59 0.68
CA CYS A 18 -4.71 0.09 1.91
C CYS A 18 -6.19 0.43 1.97
N LYS A 19 -6.75 0.73 0.79
CA LYS A 19 -8.16 0.98 0.63
C LYS A 19 -9.01 -0.26 0.82
N LYS A 20 -8.58 -1.39 0.27
CA LYS A 20 -9.24 -2.67 0.49
C LYS A 20 -9.38 -2.96 1.98
N VAL A 21 -8.27 -2.92 2.73
CA VAL A 21 -8.33 -3.14 4.18
C VAL A 21 -9.17 -2.09 4.90
N THR A 22 -8.82 -0.81 4.75
CA THR A 22 -9.39 0.26 5.56
C THR A 22 -10.16 1.24 4.69
N GLY A 23 -9.48 1.80 3.70
CA GLY A 23 -9.89 3.02 3.03
C GLY A 23 -8.76 4.04 2.94
N SER A 24 -7.68 3.88 3.73
CA SER A 24 -6.62 4.89 3.86
C SER A 24 -5.67 4.84 2.67
N GLY A 25 -6.20 5.13 1.47
CA GLY A 25 -5.53 4.83 0.21
C GLY A 25 -4.27 5.66 -0.07
N GLN A 26 -3.85 6.54 0.84
CA GLN A 26 -2.71 7.39 0.64
C GLN A 26 -1.46 6.60 1.06
N GLY A 27 -0.68 6.13 0.10
CA GLY A 27 0.43 5.23 0.37
C GLY A 27 1.49 5.23 -0.73
N LYS A 28 2.46 4.33 -0.61
CA LYS A 28 3.61 4.22 -1.47
C LYS A 28 4.18 2.81 -1.33
N CYS A 29 4.67 2.25 -2.44
CA CYS A 29 5.27 0.93 -2.42
C CYS A 29 6.76 1.12 -2.12
N GLN A 30 7.34 0.10 -1.51
CA GLN A 30 8.77 -0.02 -1.26
C GLN A 30 9.16 -1.37 -1.85
N ASN A 31 10.01 -1.40 -2.87
CA ASN A 31 10.64 -2.63 -3.35
C ASN A 31 9.61 -3.58 -3.97
N ASN A 32 8.92 -4.34 -3.12
CA ASN A 32 7.78 -5.19 -3.39
C ASN A 32 7.00 -5.45 -2.11
N GLN A 33 6.83 -4.36 -1.35
CA GLN A 33 6.02 -4.24 -0.15
C GLN A 33 5.40 -2.86 -0.24
N CYS A 34 4.56 -2.46 0.72
CA CYS A 34 3.70 -1.31 0.51
C CYS A 34 3.24 -0.75 1.84
N ARG A 35 2.94 0.57 1.87
CA ARG A 35 2.75 1.32 3.10
C ARG A 35 1.70 2.40 2.88
N CYS A 36 0.72 2.54 3.80
CA CYS A 36 -0.19 3.69 3.85
C CYS A 36 0.21 4.66 4.95
N TYR A 37 -0.35 5.87 4.88
CA TYR A 37 -0.18 6.96 5.82
C TYR A 37 -1.45 7.12 6.64
N PHE A 1 2.95 4.11 10.91
CA PHE A 1 2.07 4.23 9.76
C PHE A 1 1.76 2.82 9.28
N GLY A 2 1.05 2.72 8.15
CA GLY A 2 0.97 1.50 7.39
C GLY A 2 2.34 1.04 6.91
N LEU A 3 2.80 -0.13 7.36
CA LEU A 3 3.82 -0.88 6.66
C LEU A 3 3.34 -2.32 6.57
N ILE A 4 3.38 -2.92 5.38
CA ILE A 4 2.70 -4.15 5.09
C ILE A 4 3.66 -5.03 4.29
N ASP A 5 3.24 -6.25 3.94
CA ASP A 5 3.79 -6.93 2.77
C ASP A 5 2.62 -7.44 1.93
N VAL A 6 2.34 -6.71 0.85
CA VAL A 6 1.79 -7.32 -0.34
C VAL A 6 2.64 -6.81 -1.50
N LYS A 7 2.78 -7.65 -2.51
CA LYS A 7 3.71 -7.43 -3.60
C LYS A 7 3.33 -6.20 -4.41
N CYS A 8 4.20 -5.18 -4.39
CA CYS A 8 3.97 -3.99 -5.20
C CYS A 8 4.24 -4.31 -6.66
N PHE A 9 3.18 -4.14 -7.45
CA PHE A 9 3.29 -3.89 -8.87
C PHE A 9 3.63 -2.40 -9.10
N ALA A 10 3.32 -1.54 -8.12
CA ALA A 10 3.46 -0.09 -8.19
C ALA A 10 2.97 0.52 -6.87
N SER A 11 3.48 1.69 -6.51
CA SER A 11 2.98 2.48 -5.38
C SER A 11 1.47 2.71 -5.47
N SER A 12 0.97 2.95 -6.68
CA SER A 12 -0.44 3.18 -6.89
C SER A 12 -1.29 1.98 -6.48
N GLU A 13 -0.71 0.78 -6.42
CA GLU A 13 -1.43 -0.39 -5.95
C GLU A 13 -1.69 -0.26 -4.45
N CYS A 14 -0.63 0.01 -3.67
CA CYS A 14 -0.63 0.16 -2.23
C CYS A 14 -1.77 1.05 -1.80
N TRP A 15 -2.14 1.96 -2.69
CA TRP A 15 -3.30 2.80 -2.47
C TRP A 15 -4.52 1.89 -2.39
N THR A 16 -4.90 1.25 -3.51
CA THR A 16 -5.98 0.28 -3.54
C THR A 16 -5.82 -0.81 -2.48
N ALA A 17 -4.61 -1.21 -2.09
CA ALA A 17 -4.44 -2.15 -0.98
C ALA A 17 -4.97 -1.54 0.32
N CYS A 18 -4.50 -0.33 0.65
CA CYS A 18 -4.94 0.36 1.84
C CYS A 18 -6.44 0.60 1.78
N LYS A 19 -6.97 0.88 0.59
CA LYS A 19 -8.39 1.03 0.41
C LYS A 19 -9.11 -0.28 0.74
N LYS A 20 -8.64 -1.36 0.14
CA LYS A 20 -9.16 -2.71 0.35
C LYS A 20 -9.24 -3.05 1.83
N VAL A 21 -8.19 -2.75 2.60
CA VAL A 21 -8.10 -3.05 4.00
C VAL A 21 -8.96 -2.07 4.79
N THR A 22 -8.62 -0.78 4.71
CA THR A 22 -9.15 0.24 5.59
C THR A 22 -10.08 1.22 4.87
N GLY A 23 -9.81 1.53 3.60
CA GLY A 23 -10.48 2.59 2.85
C GLY A 23 -9.54 3.77 2.62
N SER A 24 -8.53 3.89 3.49
CA SER A 24 -7.69 5.06 3.64
C SER A 24 -6.59 5.05 2.58
N GLY A 25 -6.99 5.21 1.31
CA GLY A 25 -6.20 4.84 0.13
C GLY A 25 -4.93 5.64 -0.17
N GLN A 26 -4.04 5.87 0.80
CA GLN A 26 -2.99 6.87 0.75
C GLN A 26 -1.64 6.27 1.19
N GLY A 27 -0.80 5.89 0.22
CA GLY A 27 0.43 5.17 0.52
C GLY A 27 1.48 5.27 -0.60
N LYS A 28 2.47 4.39 -0.57
CA LYS A 28 3.46 4.14 -1.62
C LYS A 28 4.03 2.75 -1.40
N CYS A 29 4.64 2.16 -2.44
CA CYS A 29 5.25 0.87 -2.35
C CYS A 29 6.72 1.03 -1.97
N GLN A 30 7.34 -0.03 -1.47
CA GLN A 30 8.76 -0.06 -1.20
C GLN A 30 9.27 -1.42 -1.68
N ASN A 31 10.28 -1.42 -2.53
CA ASN A 31 10.96 -2.63 -3.01
C ASN A 31 10.01 -3.49 -3.82
N ASN A 32 9.19 -4.30 -3.15
CA ASN A 32 8.10 -5.09 -3.67
C ASN A 32 7.23 -5.50 -2.46
N GLN A 33 7.01 -4.52 -1.58
CA GLN A 33 6.17 -4.53 -0.38
C GLN A 33 5.50 -3.15 -0.41
N CYS A 34 4.69 -2.78 0.58
CA CYS A 34 3.90 -1.57 0.48
C CYS A 34 3.64 -0.95 1.84
N ARG A 35 3.30 0.34 1.82
CA ARG A 35 3.16 1.17 3.01
C ARG A 35 2.04 2.16 2.77
N CYS A 36 1.35 2.50 3.86
CA CYS A 36 0.24 3.43 3.86
C CYS A 36 0.43 4.38 5.02
N TYR A 37 -0.21 5.54 5.00
CA TYR A 37 0.03 6.58 6.00
C TYR A 37 -0.72 6.24 7.30
N PHE A 1 1.59 3.98 10.99
CA PHE A 1 1.24 3.95 9.59
C PHE A 1 1.27 2.52 9.08
N GLY A 2 0.58 2.27 7.97
CA GLY A 2 0.65 0.99 7.28
C GLY A 2 2.06 0.73 6.79
N LEU A 3 2.68 -0.39 7.19
CA LEU A 3 3.83 -0.98 6.51
C LEU A 3 3.51 -2.47 6.38
N ILE A 4 3.52 -2.99 5.15
CA ILE A 4 2.74 -4.13 4.78
C ILE A 4 3.59 -4.89 3.76
N ASP A 5 3.44 -6.21 3.67
CA ASP A 5 4.05 -6.99 2.60
C ASP A 5 2.95 -7.45 1.65
N VAL A 6 2.67 -6.57 0.70
CA VAL A 6 2.04 -6.96 -0.56
C VAL A 6 2.96 -6.57 -1.71
N LYS A 7 3.12 -7.48 -2.66
CA LYS A 7 4.14 -7.42 -3.69
C LYS A 7 3.82 -6.34 -4.73
N CYS A 8 4.39 -5.15 -4.53
CA CYS A 8 4.14 -4.01 -5.41
C CYS A 8 4.66 -4.25 -6.80
N PHE A 9 3.81 -3.99 -7.79
CA PHE A 9 4.21 -3.57 -9.12
C PHE A 9 4.36 -2.05 -9.15
N ALA A 10 3.67 -1.32 -8.26
CA ALA A 10 3.70 0.14 -8.21
C ALA A 10 3.12 0.60 -6.88
N SER A 11 3.29 1.88 -6.53
CA SER A 11 2.72 2.51 -5.34
C SER A 11 1.19 2.44 -5.34
N SER A 12 0.55 2.58 -6.50
CA SER A 12 -0.90 2.61 -6.60
C SER A 12 -1.52 1.35 -5.98
N GLU A 13 -0.85 0.22 -6.16
CA GLU A 13 -1.11 -1.04 -5.47
C GLU A 13 -1.46 -0.82 -3.99
N CYS A 14 -0.58 -0.10 -3.31
CA CYS A 14 -0.57 0.16 -1.89
C CYS A 14 -1.74 1.04 -1.55
N TRP A 15 -2.12 1.88 -2.50
CA TRP A 15 -3.28 2.74 -2.34
C TRP A 15 -4.48 1.80 -2.25
N THR A 16 -4.76 1.07 -3.33
CA THR A 16 -5.83 0.11 -3.37
C THR A 16 -5.72 -0.90 -2.21
N ALA A 17 -4.52 -1.22 -1.73
CA ALA A 17 -4.38 -2.07 -0.55
C ALA A 17 -4.99 -1.40 0.67
N CYS A 18 -4.53 -0.20 1.02
CA CYS A 18 -5.05 0.50 2.20
C CYS A 18 -6.55 0.72 2.08
N LYS A 19 -7.00 0.96 0.85
CA LYS A 19 -8.40 1.12 0.54
C LYS A 19 -9.17 -0.16 0.85
N LYS A 20 -8.72 -1.26 0.26
CA LYS A 20 -9.33 -2.58 0.42
C LYS A 20 -9.57 -2.90 1.90
N VAL A 21 -8.57 -2.75 2.76
CA VAL A 21 -8.78 -2.94 4.19
C VAL A 21 -9.68 -1.83 4.76
N THR A 22 -9.14 -0.60 4.85
CA THR A 22 -9.64 0.42 5.72
C THR A 22 -10.41 1.48 4.93
N GLY A 23 -9.95 1.77 3.72
CA GLY A 23 -10.50 2.83 2.87
C GLY A 23 -9.52 3.99 2.69
N SER A 24 -8.49 4.06 3.54
CA SER A 24 -7.61 5.19 3.73
C SER A 24 -6.54 5.20 2.64
N GLY A 25 -6.97 5.38 1.39
CA GLY A 25 -6.26 4.94 0.20
C GLY A 25 -5.00 5.72 -0.20
N GLN A 26 -4.13 6.11 0.73
CA GLN A 26 -2.93 6.89 0.49
C GLN A 26 -1.71 6.10 0.95
N GLY A 27 -0.63 6.05 0.17
CA GLY A 27 0.54 5.27 0.52
C GLY A 27 1.57 5.30 -0.60
N LYS A 28 2.58 4.42 -0.55
CA LYS A 28 3.56 4.18 -1.61
C LYS A 28 4.16 2.80 -1.42
N CYS A 29 4.68 2.20 -2.50
CA CYS A 29 5.28 0.88 -2.46
C CYS A 29 6.78 1.04 -2.18
N GLN A 30 7.42 -0.03 -1.72
CA GLN A 30 8.85 -0.14 -1.58
C GLN A 30 9.21 -1.53 -2.08
N ASN A 31 10.21 -1.67 -2.95
CA ASN A 31 10.82 -2.94 -3.24
C ASN A 31 9.82 -3.86 -3.97
N ASN A 32 9.09 -4.68 -3.21
CA ASN A 32 7.84 -5.36 -3.56
C ASN A 32 7.14 -5.62 -2.22
N GLN A 33 6.90 -4.53 -1.50
CA GLN A 33 6.22 -4.39 -0.24
C GLN A 33 5.59 -3.00 -0.32
N CYS A 34 4.84 -2.55 0.69
CA CYS A 34 4.09 -1.33 0.55
C CYS A 34 3.85 -0.71 1.90
N ARG A 35 3.44 0.55 1.91
CA ARG A 35 3.06 1.28 3.11
C ARG A 35 1.88 2.17 2.81
N CYS A 36 1.00 2.35 3.79
CA CYS A 36 0.03 3.41 3.74
C CYS A 36 0.69 4.69 4.27
N TYR A 37 0.04 5.37 5.21
CA TYR A 37 0.48 6.65 5.72
C TYR A 37 -0.06 6.82 7.14
N PHE A 1 -1.60 3.02 10.00
CA PHE A 1 -0.61 3.37 9.00
C PHE A 1 0.71 2.61 9.22
N GLY A 2 1.55 2.58 8.18
CA GLY A 2 2.91 2.05 8.23
C GLY A 2 3.11 0.99 7.15
N LEU A 3 4.06 0.08 7.38
CA LEU A 3 4.48 -0.88 6.37
C LEU A 3 3.69 -2.19 6.46
N ILE A 4 3.54 -2.85 5.32
CA ILE A 4 2.74 -4.05 5.16
C ILE A 4 3.63 -5.08 4.44
N ASP A 5 3.03 -6.19 3.97
CA ASP A 5 3.61 -6.96 2.89
C ASP A 5 2.54 -7.35 1.88
N VAL A 6 2.55 -6.67 0.72
CA VAL A 6 2.07 -7.26 -0.51
C VAL A 6 2.95 -6.81 -1.68
N LYS A 7 3.29 -7.75 -2.56
CA LYS A 7 4.07 -7.54 -3.77
C LYS A 7 3.57 -6.32 -4.56
N CYS A 8 4.40 -5.27 -4.67
CA CYS A 8 4.02 -4.09 -5.46
C CYS A 8 4.42 -4.24 -6.93
N PHE A 9 3.54 -3.91 -7.86
CA PHE A 9 3.96 -3.47 -9.18
C PHE A 9 4.14 -1.95 -9.19
N ALA A 10 3.51 -1.22 -8.26
CA ALA A 10 3.58 0.23 -8.19
C ALA A 10 3.07 0.66 -6.82
N SER A 11 3.30 1.92 -6.43
CA SER A 11 2.76 2.54 -5.24
C SER A 11 1.23 2.54 -5.25
N SER A 12 0.62 2.78 -6.40
CA SER A 12 -0.83 2.88 -6.51
C SER A 12 -1.52 1.61 -5.99
N GLU A 13 -0.89 0.47 -6.23
CA GLU A 13 -1.23 -0.81 -5.61
C GLU A 13 -1.58 -0.64 -4.13
N CYS A 14 -0.67 -0.03 -3.38
CA CYS A 14 -0.66 0.15 -1.95
C CYS A 14 -1.81 1.04 -1.58
N TRP A 15 -2.16 1.95 -2.48
CA TRP A 15 -3.27 2.84 -2.26
C TRP A 15 -4.51 1.96 -2.18
N THR A 16 -4.87 1.34 -3.30
CA THR A 16 -5.99 0.42 -3.37
C THR A 16 -5.91 -0.67 -2.31
N ALA A 17 -4.71 -1.12 -1.91
CA ALA A 17 -4.57 -2.10 -0.83
C ALA A 17 -5.11 -1.51 0.47
N CYS A 18 -4.59 -0.34 0.85
CA CYS A 18 -5.02 0.33 2.07
C CYS A 18 -6.49 0.66 2.01
N LYS A 19 -7.00 0.98 0.80
CA LYS A 19 -8.40 1.23 0.62
C LYS A 19 -9.22 -0.02 0.91
N LYS A 20 -8.88 -1.11 0.23
CA LYS A 20 -9.55 -2.40 0.41
C LYS A 20 -9.57 -2.81 1.88
N VAL A 21 -8.43 -2.73 2.56
CA VAL A 21 -8.27 -3.15 3.92
C VAL A 21 -9.01 -2.20 4.85
N THR A 22 -8.74 -0.90 4.70
CA THR A 22 -8.95 0.09 5.73
C THR A 22 -9.76 1.31 5.22
N GLY A 23 -9.58 1.70 3.95
CA GLY A 23 -10.33 2.78 3.31
C GLY A 23 -9.42 3.93 2.86
N SER A 24 -8.34 4.15 3.61
CA SER A 24 -7.49 5.33 3.56
C SER A 24 -6.42 5.18 2.48
N GLY A 25 -6.79 5.46 1.23
CA GLY A 25 -6.01 5.05 0.07
C GLY A 25 -4.76 5.88 -0.20
N GLN A 26 -3.93 6.15 0.81
CA GLN A 26 -2.71 6.95 0.68
C GLN A 26 -1.52 6.08 1.08
N GLY A 27 -0.53 5.90 0.21
CA GLY A 27 0.57 5.00 0.50
C GLY A 27 1.67 5.07 -0.54
N LYS A 28 2.62 4.12 -0.49
CA LYS A 28 3.70 4.01 -1.45
C LYS A 28 4.27 2.59 -1.34
N CYS A 29 4.72 2.04 -2.47
CA CYS A 29 5.28 0.71 -2.49
C CYS A 29 6.79 0.85 -2.21
N GLN A 30 7.39 -0.20 -1.64
CA GLN A 30 8.80 -0.26 -1.29
C GLN A 30 9.32 -1.55 -1.92
N ASN A 31 10.14 -1.47 -2.98
CA ASN A 31 10.81 -2.64 -3.55
C ASN A 31 9.81 -3.63 -4.15
N ASN A 32 9.17 -4.44 -3.30
CA ASN A 32 8.05 -5.32 -3.53
C ASN A 32 7.34 -5.65 -2.21
N GLN A 33 7.16 -4.64 -1.36
CA GLN A 33 6.15 -4.61 -0.32
C GLN A 33 5.50 -3.22 -0.41
N CYS A 34 4.64 -2.85 0.54
CA CYS A 34 3.87 -1.63 0.44
C CYS A 34 3.68 -0.98 1.79
N ARG A 35 3.32 0.30 1.78
CA ARG A 35 3.19 1.12 2.97
C ARG A 35 2.01 2.06 2.79
N CYS A 36 1.41 2.46 3.91
CA CYS A 36 0.20 3.28 3.95
C CYS A 36 0.34 4.39 4.98
N TYR A 37 -0.29 5.53 4.71
CA TYR A 37 -0.18 6.79 5.45
C TYR A 37 -1.58 7.40 5.61
N PHE A 1 3.68 4.91 8.11
CA PHE A 1 2.70 4.72 9.16
C PHE A 1 2.21 3.27 9.14
N GLY A 2 1.65 2.92 8.00
CA GLY A 2 1.23 1.59 7.60
C GLY A 2 2.42 0.90 6.97
N LEU A 3 2.63 -0.39 7.27
CA LEU A 3 3.61 -1.21 6.59
C LEU A 3 3.03 -2.60 6.43
N ILE A 4 3.12 -3.14 5.21
CA ILE A 4 2.30 -4.26 4.80
C ILE A 4 3.19 -5.30 4.14
N ASP A 5 2.67 -6.51 3.95
CA ASP A 5 3.40 -7.70 3.54
C ASP A 5 2.91 -8.24 2.19
N VAL A 6 2.32 -7.37 1.37
CA VAL A 6 1.80 -7.71 0.05
C VAL A 6 2.56 -6.95 -1.04
N LYS A 7 2.95 -7.69 -2.08
CA LYS A 7 3.75 -7.25 -3.21
C LYS A 7 3.30 -5.92 -3.82
N CYS A 8 4.26 -5.13 -4.32
CA CYS A 8 3.98 -3.97 -5.17
C CYS A 8 4.30 -4.28 -6.61
N PHE A 9 3.36 -4.01 -7.50
CA PHE A 9 3.65 -3.79 -8.91
C PHE A 9 3.82 -2.29 -9.17
N ALA A 10 3.47 -1.44 -8.20
CA ALA A 10 3.54 0.02 -8.26
C ALA A 10 3.16 0.55 -6.88
N SER A 11 3.37 1.85 -6.62
CA SER A 11 2.89 2.59 -5.46
C SER A 11 1.36 2.67 -5.46
N SER A 12 0.75 2.93 -6.61
CA SER A 12 -0.69 3.10 -6.72
C SER A 12 -1.41 1.87 -6.16
N GLU A 13 -0.86 0.68 -6.43
CA GLU A 13 -1.21 -0.57 -5.79
C GLU A 13 -1.57 -0.40 -4.32
N CYS A 14 -0.64 0.20 -3.56
CA CYS A 14 -0.62 0.34 -2.13
C CYS A 14 -1.79 1.19 -1.71
N TRP A 15 -2.16 2.11 -2.60
CA TRP A 15 -3.29 2.99 -2.35
C TRP A 15 -4.54 2.10 -2.35
N THR A 16 -4.83 1.47 -3.48
CA THR A 16 -5.93 0.54 -3.62
C THR A 16 -5.85 -0.58 -2.57
N ALA A 17 -4.65 -0.99 -2.15
CA ALA A 17 -4.51 -2.02 -1.12
C ALA A 17 -5.06 -1.51 0.20
N CYS A 18 -4.53 -0.39 0.67
CA CYS A 18 -4.97 0.21 1.92
C CYS A 18 -6.46 0.50 1.88
N LYS A 19 -6.95 0.91 0.71
CA LYS A 19 -8.36 1.13 0.49
C LYS A 19 -9.16 -0.14 0.67
N LYS A 20 -8.83 -1.16 -0.13
CA LYS A 20 -9.49 -2.46 -0.11
C LYS A 20 -9.50 -3.06 1.30
N VAL A 21 -8.42 -2.93 2.06
CA VAL A 21 -8.31 -3.44 3.40
C VAL A 21 -9.14 -2.55 4.33
N THR A 22 -8.77 -1.27 4.43
CA THR A 22 -9.15 -0.40 5.50
C THR A 22 -10.00 0.77 4.99
N GLY A 23 -9.61 1.39 3.86
CA GLY A 23 -10.25 2.56 3.28
C GLY A 23 -9.28 3.73 3.08
N SER A 24 -8.16 3.72 3.82
CA SER A 24 -7.29 4.89 3.98
C SER A 24 -6.30 4.93 2.83
N GLY A 25 -6.77 5.29 1.64
CA GLY A 25 -6.08 5.00 0.39
C GLY A 25 -4.83 5.82 0.07
N GLN A 26 -3.99 6.15 1.05
CA GLN A 26 -2.80 6.97 0.93
C GLN A 26 -1.58 6.11 1.26
N GLY A 27 -0.61 5.99 0.36
CA GLY A 27 0.54 5.13 0.60
C GLY A 27 1.59 5.25 -0.49
N LYS A 28 2.54 4.32 -0.53
CA LYS A 28 3.56 4.21 -1.56
C LYS A 28 4.22 2.85 -1.40
N CYS A 29 4.71 2.28 -2.50
CA CYS A 29 5.32 0.97 -2.45
C CYS A 29 6.80 1.12 -2.14
N GLN A 30 7.42 0.04 -1.68
CA GLN A 30 8.84 -0.05 -1.46
C GLN A 30 9.28 -1.42 -1.95
N ASN A 31 10.12 -1.46 -2.99
CA ASN A 31 10.86 -2.66 -3.37
C ASN A 31 9.94 -3.71 -4.03
N ASN A 32 9.14 -4.38 -3.20
CA ASN A 32 8.00 -5.22 -3.49
C ASN A 32 7.26 -5.53 -2.18
N GLN A 33 7.01 -4.48 -1.38
CA GLN A 33 6.02 -4.42 -0.34
C GLN A 33 5.49 -2.98 -0.39
N CYS A 34 4.70 -2.55 0.59
CA CYS A 34 4.01 -1.27 0.52
C CYS A 34 3.80 -0.71 1.91
N ARG A 35 3.57 0.61 1.97
CA ARG A 35 3.32 1.34 3.19
C ARG A 35 2.16 2.31 2.99
N CYS A 36 1.45 2.63 4.08
CA CYS A 36 0.22 3.42 4.03
C CYS A 36 0.24 4.55 5.07
N TYR A 37 -0.69 5.51 5.00
CA TYR A 37 -0.95 6.56 5.97
C TYR A 37 -2.34 6.37 6.56
N PHE A 1 3.72 4.61 10.34
CA PHE A 1 2.72 4.60 9.30
C PHE A 1 2.50 3.15 8.85
N GLY A 2 1.58 2.95 7.91
CA GLY A 2 1.35 1.67 7.28
C GLY A 2 2.65 0.97 6.87
N LEU A 3 2.77 -0.32 7.17
CA LEU A 3 3.71 -1.18 6.48
C LEU A 3 3.14 -2.59 6.41
N ILE A 4 3.21 -3.19 5.22
CA ILE A 4 2.52 -4.41 4.88
C ILE A 4 3.54 -5.31 4.18
N ASP A 5 3.13 -6.48 3.68
CA ASP A 5 3.92 -7.20 2.70
C ASP A 5 3.00 -7.88 1.68
N VAL A 6 2.74 -7.15 0.60
CA VAL A 6 2.23 -7.69 -0.64
C VAL A 6 3.02 -7.06 -1.79
N LYS A 7 3.33 -7.87 -2.81
CA LYS A 7 4.13 -7.51 -3.97
C LYS A 7 3.62 -6.25 -4.68
N CYS A 8 4.32 -5.12 -4.49
CA CYS A 8 4.10 -3.94 -5.32
C CYS A 8 4.64 -4.18 -6.72
N PHE A 9 3.81 -3.87 -7.72
CA PHE A 9 4.25 -3.44 -9.03
C PHE A 9 4.41 -1.92 -9.03
N ALA A 10 3.74 -1.20 -8.11
CA ALA A 10 3.73 0.25 -8.05
C ALA A 10 3.14 0.71 -6.72
N SER A 11 3.26 1.98 -6.39
CA SER A 11 2.68 2.61 -5.23
C SER A 11 1.14 2.56 -5.26
N SER A 12 0.53 2.81 -6.42
CA SER A 12 -0.94 2.90 -6.49
C SER A 12 -1.61 1.62 -5.98
N GLU A 13 -0.97 0.48 -6.25
CA GLU A 13 -1.23 -0.80 -5.60
C GLU A 13 -1.59 -0.65 -4.11
N CYS A 14 -0.70 0.02 -3.37
CA CYS A 14 -0.71 0.21 -1.94
C CYS A 14 -1.90 1.06 -1.57
N TRP A 15 -2.27 1.95 -2.48
CA TRP A 15 -3.43 2.80 -2.27
C TRP A 15 -4.62 1.87 -2.23
N THR A 16 -4.91 1.19 -3.35
CA THR A 16 -5.99 0.23 -3.43
C THR A 16 -5.89 -0.84 -2.33
N ALA A 17 -4.68 -1.22 -1.90
CA ALA A 17 -4.53 -2.15 -0.79
C ALA A 17 -5.12 -1.55 0.48
N CYS A 18 -4.67 -0.36 0.87
CA CYS A 18 -5.20 0.31 2.04
C CYS A 18 -6.69 0.57 1.89
N LYS A 19 -7.14 0.84 0.67
CA LYS A 19 -8.54 1.05 0.43
C LYS A 19 -9.34 -0.22 0.74
N LYS A 20 -8.90 -1.32 0.15
CA LYS A 20 -9.52 -2.63 0.36
C LYS A 20 -9.56 -3.01 1.84
N VAL A 21 -8.49 -2.74 2.60
CA VAL A 21 -8.41 -3.04 4.00
C VAL A 21 -9.31 -2.09 4.78
N THR A 22 -9.03 -0.80 4.68
CA THR A 22 -9.55 0.23 5.56
C THR A 22 -10.40 1.27 4.80
N GLY A 23 -9.98 1.68 3.61
CA GLY A 23 -10.67 2.70 2.79
C GLY A 23 -9.76 3.90 2.51
N SER A 24 -8.78 4.13 3.37
CA SER A 24 -8.00 5.35 3.42
C SER A 24 -6.81 5.23 2.47
N GLY A 25 -7.10 5.33 1.17
CA GLY A 25 -6.25 4.86 0.08
C GLY A 25 -4.98 5.67 -0.19
N GLN A 26 -4.09 5.89 0.79
CA GLN A 26 -2.93 6.75 0.65
C GLN A 26 -1.66 6.05 1.12
N GLY A 27 -0.64 5.94 0.25
CA GLY A 27 0.60 5.23 0.56
C GLY A 27 1.63 5.35 -0.55
N LYS A 28 2.70 4.56 -0.47
CA LYS A 28 3.65 4.28 -1.55
C LYS A 28 4.18 2.86 -1.34
N CYS A 29 4.70 2.24 -2.41
CA CYS A 29 5.24 0.90 -2.32
C CYS A 29 6.71 0.97 -1.90
N GLN A 30 7.20 -0.09 -1.25
CA GLN A 30 8.58 -0.23 -0.84
C GLN A 30 9.09 -1.52 -1.45
N ASN A 31 9.94 -1.45 -2.47
CA ASN A 31 10.70 -2.60 -2.94
C ASN A 31 9.76 -3.54 -3.72
N ASN A 32 9.07 -4.45 -3.02
CA ASN A 32 7.88 -5.18 -3.45
C ASN A 32 7.07 -5.53 -2.20
N GLN A 33 6.90 -4.53 -1.34
CA GLN A 33 6.04 -4.48 -0.18
C GLN A 33 5.38 -3.10 -0.28
N CYS A 34 4.57 -2.68 0.69
CA CYS A 34 3.78 -1.48 0.51
C CYS A 34 3.47 -0.84 1.86
N ARG A 35 3.24 0.47 1.84
CA ARG A 35 3.18 1.29 3.04
C ARG A 35 2.13 2.36 2.87
N CYS A 36 1.06 2.23 3.63
CA CYS A 36 0.13 3.32 3.76
C CYS A 36 0.69 4.38 4.69
N TYR A 37 0.01 5.53 4.68
CA TYR A 37 0.31 6.66 5.51
C TYR A 37 -0.08 6.42 6.97
N PHE A 1 2.12 4.63 10.16
CA PHE A 1 1.75 4.23 8.81
C PHE A 1 1.61 2.71 8.73
N GLY A 2 0.84 2.25 7.75
CA GLY A 2 0.93 0.94 7.17
C GLY A 2 2.39 0.57 6.88
N LEU A 3 2.78 -0.66 7.21
CA LEU A 3 3.79 -1.36 6.44
C LEU A 3 3.32 -2.79 6.28
N ILE A 4 3.27 -3.26 5.04
CA ILE A 4 2.52 -4.43 4.66
C ILE A 4 3.43 -5.23 3.71
N ASP A 5 3.15 -6.52 3.60
CA ASP A 5 3.98 -7.49 2.91
C ASP A 5 3.67 -7.55 1.41
N VAL A 6 2.50 -7.04 0.98
CA VAL A 6 1.96 -7.45 -0.31
C VAL A 6 2.80 -6.88 -1.46
N LYS A 7 3.10 -7.74 -2.43
CA LYS A 7 3.92 -7.45 -3.59
C LYS A 7 3.43 -6.22 -4.36
N CYS A 8 4.10 -5.09 -4.18
CA CYS A 8 3.87 -3.92 -5.02
C CYS A 8 4.21 -4.24 -6.45
N PHE A 9 3.30 -3.90 -7.35
CA PHE A 9 3.60 -3.67 -8.75
C PHE A 9 3.95 -2.20 -8.97
N ALA A 10 3.58 -1.32 -8.02
CA ALA A 10 3.74 0.12 -8.07
C ALA A 10 3.04 0.70 -6.84
N SER A 11 3.43 1.90 -6.41
CA SER A 11 2.79 2.63 -5.31
C SER A 11 1.27 2.68 -5.43
N SER A 12 0.73 2.83 -6.63
CA SER A 12 -0.70 2.91 -6.83
C SER A 12 -1.42 1.63 -6.37
N GLU A 13 -0.74 0.49 -6.42
CA GLU A 13 -1.25 -0.77 -5.89
C GLU A 13 -1.63 -0.58 -4.42
N CYS A 14 -0.67 -0.08 -3.64
CA CYS A 14 -0.72 0.13 -2.21
C CYS A 14 -1.91 0.99 -1.87
N TRP A 15 -2.30 1.83 -2.82
CA TRP A 15 -3.42 2.71 -2.60
C TRP A 15 -4.66 1.82 -2.50
N THR A 16 -5.02 1.16 -3.61
CA THR A 16 -6.09 0.20 -3.63
C THR A 16 -5.93 -0.84 -2.52
N ALA A 17 -4.70 -1.22 -2.14
CA ALA A 17 -4.50 -2.18 -1.05
C ALA A 17 -4.98 -1.60 0.29
N CYS A 18 -4.42 -0.48 0.74
CA CYS A 18 -4.81 0.12 2.00
C CYS A 18 -6.29 0.50 1.99
N LYS A 19 -6.80 0.83 0.80
CA LYS A 19 -8.22 1.07 0.64
C LYS A 19 -9.05 -0.19 0.85
N LYS A 20 -8.63 -1.27 0.21
CA LYS A 20 -9.25 -2.58 0.32
C LYS A 20 -9.20 -3.08 1.77
N VAL A 21 -8.13 -2.82 2.51
CA VAL A 21 -7.98 -3.20 3.87
C VAL A 21 -8.88 -2.31 4.72
N THR A 22 -8.62 -0.99 4.69
CA THR A 22 -9.12 -0.06 5.65
C THR A 22 -9.94 1.05 4.97
N GLY A 23 -9.38 1.66 3.91
CA GLY A 23 -9.94 2.86 3.29
C GLY A 23 -8.86 3.93 3.02
N SER A 24 -7.74 3.84 3.73
CA SER A 24 -6.74 4.91 3.86
C SER A 24 -5.79 4.92 2.67
N GLY A 25 -6.32 5.16 1.47
CA GLY A 25 -5.65 4.85 0.22
C GLY A 25 -4.36 5.64 -0.08
N GLN A 26 -3.93 6.54 0.81
CA GLN A 26 -2.81 7.43 0.55
C GLN A 26 -1.53 6.73 0.99
N GLY A 27 -0.71 6.25 0.05
CA GLY A 27 0.43 5.42 0.37
C GLY A 27 1.48 5.41 -0.73
N LYS A 28 2.51 4.57 -0.57
CA LYS A 28 3.52 4.32 -1.57
C LYS A 28 4.05 2.90 -1.36
N CYS A 29 4.58 2.29 -2.43
CA CYS A 29 5.17 0.97 -2.32
C CYS A 29 6.63 1.12 -1.93
N GLN A 30 7.21 0.05 -1.40
CA GLN A 30 8.63 -0.05 -1.16
C GLN A 30 9.03 -1.43 -1.65
N ASN A 31 10.04 -1.54 -2.51
CA ASN A 31 10.63 -2.83 -2.84
C ASN A 31 9.65 -3.70 -3.64
N ASN A 32 8.83 -4.49 -2.95
CA ASN A 32 7.62 -5.18 -3.37
C ASN A 32 6.90 -5.50 -2.05
N GLN A 33 6.67 -4.44 -1.28
CA GLN A 33 5.97 -4.32 -0.02
C GLN A 33 5.32 -2.94 -0.12
N CYS A 34 4.51 -2.52 0.85
CA CYS A 34 3.72 -1.31 0.62
C CYS A 34 3.31 -0.69 1.93
N ARG A 35 3.00 0.62 1.88
CA ARG A 35 2.78 1.44 3.07
C ARG A 35 1.68 2.44 2.78
N CYS A 36 0.88 2.74 3.79
CA CYS A 36 -0.08 3.84 3.71
C CYS A 36 0.00 4.70 4.96
N TYR A 37 -0.33 5.98 4.81
CA TYR A 37 -0.18 6.98 5.85
C TYR A 37 -0.97 6.61 7.11
N PHE A 1 3.82 5.66 6.47
CA PHE A 1 3.66 5.35 7.88
C PHE A 1 3.51 3.84 8.06
N GLY A 2 2.57 3.28 7.30
CA GLY A 2 2.23 1.87 7.26
C GLY A 2 3.45 1.00 6.94
N LEU A 3 3.34 -0.30 7.22
CA LEU A 3 4.13 -1.32 6.57
C LEU A 3 3.30 -2.59 6.49
N ILE A 4 3.21 -3.17 5.29
CA ILE A 4 2.39 -4.32 4.99
C ILE A 4 3.30 -5.30 4.26
N ASP A 5 2.82 -6.51 3.96
CA ASP A 5 3.58 -7.48 3.18
C ASP A 5 2.73 -8.08 2.08
N VAL A 6 2.45 -7.25 1.09
CA VAL A 6 1.88 -7.67 -0.19
C VAL A 6 2.70 -7.05 -1.33
N LYS A 7 2.98 -7.88 -2.35
CA LYS A 7 3.73 -7.53 -3.55
C LYS A 7 3.27 -6.21 -4.17
N CYS A 8 4.14 -5.18 -4.15
CA CYS A 8 3.85 -3.97 -4.91
C CYS A 8 4.04 -4.23 -6.40
N PHE A 9 3.13 -3.75 -7.22
CA PHE A 9 3.39 -3.57 -8.64
C PHE A 9 3.71 -2.09 -8.93
N ALA A 10 3.51 -1.22 -7.93
CA ALA A 10 3.65 0.23 -8.00
C ALA A 10 3.19 0.77 -6.64
N SER A 11 3.50 2.02 -6.34
CA SER A 11 2.94 2.71 -5.18
C SER A 11 1.43 2.85 -5.26
N SER A 12 0.90 3.06 -6.46
CA SER A 12 -0.53 3.22 -6.67
C SER A 12 -1.28 1.97 -6.18
N GLU A 13 -0.70 0.79 -6.42
CA GLU A 13 -1.17 -0.47 -5.88
C GLU A 13 -1.57 -0.32 -4.41
N CYS A 14 -0.63 0.19 -3.59
CA CYS A 14 -0.72 0.31 -2.15
C CYS A 14 -1.94 1.13 -1.78
N TRP A 15 -2.28 2.05 -2.68
CA TRP A 15 -3.42 2.92 -2.44
C TRP A 15 -4.66 2.04 -2.46
N THR A 16 -4.94 1.42 -3.60
CA THR A 16 -6.00 0.45 -3.74
C THR A 16 -5.89 -0.64 -2.66
N ALA A 17 -4.68 -1.07 -2.26
CA ALA A 17 -4.53 -2.11 -1.27
C ALA A 17 -5.12 -1.67 0.07
N CYS A 18 -4.63 -0.57 0.62
CA CYS A 18 -5.17 -0.07 1.88
C CYS A 18 -6.67 0.21 1.75
N LYS A 19 -7.08 0.69 0.58
CA LYS A 19 -8.46 0.97 0.33
C LYS A 19 -9.34 -0.27 0.41
N LYS A 20 -8.89 -1.36 -0.21
CA LYS A 20 -9.57 -2.65 -0.16
C LYS A 20 -9.81 -3.09 1.28
N VAL A 21 -8.77 -3.12 2.12
CA VAL A 21 -8.92 -3.51 3.51
C VAL A 21 -9.75 -2.50 4.31
N THR A 22 -9.24 -1.27 4.48
CA THR A 22 -9.83 -0.30 5.37
C THR A 22 -10.56 0.78 4.59
N GLY A 23 -9.87 1.34 3.60
CA GLY A 23 -10.23 2.62 3.00
C GLY A 23 -9.05 3.61 2.99
N SER A 24 -7.96 3.30 3.70
CA SER A 24 -6.91 4.27 4.03
C SER A 24 -5.97 4.53 2.85
N GLY A 25 -6.51 4.97 1.72
CA GLY A 25 -5.93 4.77 0.40
C GLY A 25 -4.71 5.62 0.02
N GLN A 26 -3.86 6.00 0.98
CA GLN A 26 -2.76 6.93 0.81
C GLN A 26 -1.48 6.22 1.23
N GLY A 27 -0.47 6.13 0.34
CA GLY A 27 0.73 5.38 0.65
C GLY A 27 1.77 5.43 -0.47
N LYS A 28 2.81 4.61 -0.36
CA LYS A 28 3.76 4.30 -1.43
C LYS A 28 4.24 2.86 -1.22
N CYS A 29 4.76 2.26 -2.29
CA CYS A 29 5.28 0.90 -2.22
C CYS A 29 6.75 0.95 -1.82
N GLN A 30 7.16 0.01 -0.98
CA GLN A 30 8.55 -0.22 -0.62
C GLN A 30 8.98 -1.44 -1.41
N ASN A 31 9.68 -1.27 -2.54
CA ASN A 31 10.37 -2.37 -3.22
C ASN A 31 9.40 -3.39 -3.84
N ASN A 32 8.82 -4.25 -3.01
CA ASN A 32 7.71 -5.16 -3.29
C ASN A 32 6.95 -5.48 -2.01
N GLN A 33 6.80 -4.48 -1.16
CA GLN A 33 5.92 -4.39 -0.02
C GLN A 33 5.31 -3.00 -0.10
N CYS A 34 4.47 -2.58 0.85
CA CYS A 34 3.67 -1.37 0.66
C CYS A 34 3.38 -0.72 2.00
N ARG A 35 3.16 0.60 1.98
CA ARG A 35 3.20 1.44 3.15
C ARG A 35 2.16 2.53 3.04
N CYS A 36 1.14 2.42 3.87
CA CYS A 36 0.03 3.34 3.90
C CYS A 36 0.31 4.48 4.88
N TYR A 37 -0.75 5.09 5.41
CA TYR A 37 -0.69 6.24 6.29
C TYR A 37 -1.51 5.96 7.55
N PHE A 1 3.37 4.40 7.95
CA PHE A 1 2.66 4.11 9.19
C PHE A 1 2.11 2.69 9.13
N GLY A 2 1.18 2.49 8.19
CA GLY A 2 0.89 1.19 7.61
C GLY A 2 2.18 0.66 7.01
N LEU A 3 2.58 -0.58 7.34
CA LEU A 3 3.65 -1.27 6.64
C LEU A 3 3.25 -2.72 6.44
N ILE A 4 3.30 -3.17 5.18
CA ILE A 4 2.57 -4.30 4.71
C ILE A 4 3.47 -4.98 3.66
N ASP A 5 3.23 -6.26 3.41
CA ASP A 5 4.13 -7.09 2.62
C ASP A 5 3.41 -7.61 1.37
N VAL A 6 2.49 -6.82 0.81
CA VAL A 6 1.94 -7.18 -0.49
C VAL A 6 2.96 -6.79 -1.56
N LYS A 7 3.28 -7.76 -2.41
CA LYS A 7 4.09 -7.59 -3.61
C LYS A 7 3.67 -6.34 -4.39
N CYS A 8 4.42 -5.24 -4.28
CA CYS A 8 4.08 -4.05 -5.05
C CYS A 8 4.32 -4.28 -6.53
N PHE A 9 3.36 -3.91 -7.37
CA PHE A 9 3.66 -3.67 -8.77
C PHE A 9 3.85 -2.17 -9.02
N ALA A 10 3.55 -1.32 -8.03
CA ALA A 10 3.61 0.14 -8.09
C ALA A 10 3.09 0.67 -6.75
N SER A 11 3.31 1.96 -6.45
CA SER A 11 2.72 2.59 -5.27
C SER A 11 1.19 2.57 -5.31
N SER A 12 0.59 2.72 -6.48
CA SER A 12 -0.85 2.73 -6.62
C SER A 12 -1.49 1.45 -6.07
N GLU A 13 -0.78 0.33 -6.20
CA GLU A 13 -1.11 -0.93 -5.57
C GLU A 13 -1.50 -0.71 -4.10
N CYS A 14 -0.61 -0.02 -3.37
CA CYS A 14 -0.63 0.21 -1.95
C CYS A 14 -1.80 1.08 -1.63
N TRP A 15 -2.16 1.93 -2.58
CA TRP A 15 -3.31 2.79 -2.42
C TRP A 15 -4.51 1.85 -2.37
N THR A 16 -4.79 1.17 -3.47
CA THR A 16 -5.89 0.24 -3.56
C THR A 16 -5.83 -0.82 -2.44
N ALA A 17 -4.64 -1.21 -1.98
CA ALA A 17 -4.50 -2.14 -0.86
C ALA A 17 -5.05 -1.51 0.42
N CYS A 18 -4.54 -0.33 0.79
CA CYS A 18 -4.98 0.35 1.99
C CYS A 18 -6.47 0.67 1.88
N LYS A 19 -6.97 0.91 0.68
CA LYS A 19 -8.37 1.12 0.43
C LYS A 19 -9.17 -0.16 0.72
N LYS A 20 -8.74 -1.25 0.09
CA LYS A 20 -9.35 -2.55 0.24
C LYS A 20 -9.42 -2.97 1.72
N VAL A 21 -8.40 -2.67 2.53
CA VAL A 21 -8.38 -2.93 3.93
C VAL A 21 -9.22 -1.88 4.66
N THR A 22 -8.76 -0.63 4.65
CA THR A 22 -9.33 0.43 5.48
C THR A 22 -10.37 1.25 4.72
N GLY A 23 -9.98 1.71 3.53
CA GLY A 23 -10.68 2.72 2.74
C GLY A 23 -9.77 3.91 2.45
N SER A 24 -8.80 4.16 3.33
CA SER A 24 -8.03 5.38 3.39
C SER A 24 -6.80 5.25 2.49
N GLY A 25 -7.00 5.44 1.20
CA GLY A 25 -6.16 4.91 0.15
C GLY A 25 -4.81 5.60 -0.09
N GLN A 26 -4.09 6.02 0.94
CA GLN A 26 -2.90 6.85 0.80
C GLN A 26 -1.64 6.10 1.28
N GLY A 27 -0.70 5.84 0.38
CA GLY A 27 0.52 5.12 0.70
C GLY A 27 1.53 5.18 -0.44
N LYS A 28 2.60 4.39 -0.37
CA LYS A 28 3.55 4.16 -1.45
C LYS A 28 4.15 2.78 -1.31
N CYS A 29 4.63 2.21 -2.41
CA CYS A 29 5.26 0.90 -2.39
C CYS A 29 6.75 1.09 -2.10
N GLN A 30 7.43 0.02 -1.69
CA GLN A 30 8.87 -0.02 -1.61
C GLN A 30 9.29 -1.41 -2.07
N ASN A 31 10.18 -1.52 -3.05
CA ASN A 31 10.83 -2.78 -3.41
C ASN A 31 9.84 -3.80 -3.98
N ASN A 32 9.07 -4.44 -3.09
CA ASN A 32 7.91 -5.29 -3.30
C ASN A 32 7.19 -5.50 -1.97
N GLN A 33 7.04 -4.41 -1.22
CA GLN A 33 6.21 -4.25 -0.05
C GLN A 33 5.48 -2.92 -0.24
N CYS A 34 4.64 -2.51 0.72
CA CYS A 34 3.88 -1.30 0.59
C CYS A 34 3.55 -0.76 1.96
N ARG A 35 3.28 0.55 2.03
CA ARG A 35 3.14 1.26 3.29
C ARG A 35 2.08 2.35 3.14
N CYS A 36 1.09 2.41 4.04
CA CYS A 36 0.15 3.52 4.08
C CYS A 36 0.45 4.49 5.23
N TYR A 37 -0.21 5.64 5.17
CA TYR A 37 -0.05 6.76 6.09
C TYR A 37 -0.83 6.51 7.38
N PHE A 1 2.91 4.25 10.30
CA PHE A 1 1.57 4.09 9.74
C PHE A 1 1.48 2.70 9.11
N GLY A 2 0.76 2.54 7.99
CA GLY A 2 0.65 1.30 7.26
C GLY A 2 2.02 0.79 6.85
N LEU A 3 2.37 -0.44 7.22
CA LEU A 3 3.42 -1.18 6.56
C LEU A 3 2.99 -2.62 6.41
N ILE A 4 3.13 -3.16 5.19
CA ILE A 4 2.48 -4.37 4.78
C ILE A 4 3.51 -5.16 3.97
N ASP A 5 3.23 -6.45 3.72
CA ASP A 5 3.98 -7.21 2.72
C ASP A 5 2.99 -7.86 1.76
N VAL A 6 2.57 -7.04 0.80
CA VAL A 6 2.05 -7.53 -0.46
C VAL A 6 2.92 -6.92 -1.55
N LYS A 7 3.35 -7.74 -2.50
CA LYS A 7 4.28 -7.39 -3.55
C LYS A 7 3.72 -6.29 -4.44
N CYS A 8 4.29 -5.09 -4.33
CA CYS A 8 3.87 -3.98 -5.19
C CYS A 8 4.19 -4.30 -6.64
N PHE A 9 3.17 -4.16 -7.48
CA PHE A 9 3.37 -3.86 -8.89
C PHE A 9 3.83 -2.40 -9.00
N ALA A 10 3.27 -1.52 -8.17
CA ALA A 10 3.58 -0.10 -8.13
C ALA A 10 2.95 0.49 -6.88
N SER A 11 3.44 1.67 -6.45
CA SER A 11 2.87 2.45 -5.36
C SER A 11 1.37 2.60 -5.48
N SER A 12 0.88 2.82 -6.70
CA SER A 12 -0.53 3.02 -6.94
C SER A 12 -1.37 1.81 -6.52
N GLU A 13 -0.80 0.61 -6.45
CA GLU A 13 -1.54 -0.53 -5.94
C GLU A 13 -1.76 -0.36 -4.45
N CYS A 14 -0.71 -0.03 -3.69
CA CYS A 14 -0.73 0.16 -2.25
C CYS A 14 -1.87 1.05 -1.85
N TRP A 15 -2.27 1.92 -2.77
CA TRP A 15 -3.39 2.80 -2.55
C TRP A 15 -4.63 1.93 -2.43
N THR A 16 -5.00 1.26 -3.52
CA THR A 16 -6.06 0.27 -3.51
C THR A 16 -5.85 -0.77 -2.42
N ALA A 17 -4.61 -1.13 -2.03
CA ALA A 17 -4.39 -2.05 -0.92
C ALA A 17 -4.93 -1.51 0.38
N CYS A 18 -4.37 -0.39 0.86
CA CYS A 18 -4.81 0.19 2.12
C CYS A 18 -6.30 0.50 2.10
N LYS A 19 -6.80 0.83 0.90
CA LYS A 19 -8.22 1.02 0.70
C LYS A 19 -9.03 -0.27 0.87
N LYS A 20 -8.60 -1.35 0.22
CA LYS A 20 -9.22 -2.67 0.31
C LYS A 20 -9.37 -3.08 1.79
N VAL A 21 -8.27 -3.04 2.56
CA VAL A 21 -8.33 -3.39 3.97
C VAL A 21 -9.23 -2.46 4.78
N THR A 22 -9.19 -1.14 4.53
CA THR A 22 -9.76 -0.21 5.48
C THR A 22 -10.25 1.06 4.79
N GLY A 23 -9.43 1.69 3.95
CA GLY A 23 -9.83 2.94 3.28
C GLY A 23 -8.70 3.94 3.08
N SER A 24 -7.57 3.74 3.76
CA SER A 24 -6.54 4.76 3.94
C SER A 24 -5.64 4.88 2.71
N GLY A 25 -6.23 5.20 1.56
CA GLY A 25 -5.66 4.91 0.25
C GLY A 25 -4.43 5.73 -0.15
N GLN A 26 -3.81 6.46 0.77
CA GLN A 26 -2.74 7.41 0.51
C GLN A 26 -1.45 6.75 1.00
N GLY A 27 -0.58 6.32 0.07
CA GLY A 27 0.55 5.48 0.41
C GLY A 27 1.55 5.38 -0.72
N LYS A 28 2.53 4.47 -0.60
CA LYS A 28 3.55 4.21 -1.62
C LYS A 28 4.07 2.80 -1.40
N CYS A 29 4.60 2.21 -2.48
CA CYS A 29 5.21 0.89 -2.43
C CYS A 29 6.69 1.08 -2.16
N GLN A 30 7.32 0.01 -1.69
CA GLN A 30 8.74 -0.04 -1.44
C GLN A 30 9.20 -1.42 -1.86
N ASN A 31 10.13 -1.51 -2.81
CA ASN A 31 10.80 -2.76 -3.12
C ASN A 31 9.83 -3.72 -3.81
N ASN A 32 9.04 -4.47 -3.02
CA ASN A 32 7.81 -5.18 -3.35
C ASN A 32 7.14 -5.45 -2.01
N GLN A 33 6.91 -4.38 -1.27
CA GLN A 33 6.13 -4.27 -0.06
C GLN A 33 5.45 -2.90 -0.19
N CYS A 34 4.66 -2.46 0.79
CA CYS A 34 3.83 -1.28 0.60
C CYS A 34 3.48 -0.68 1.94
N ARG A 35 3.13 0.62 1.92
CA ARG A 35 2.83 1.41 3.09
C ARG A 35 1.72 2.40 2.78
N CYS A 36 0.98 2.78 3.81
CA CYS A 36 0.01 3.87 3.74
C CYS A 36 0.05 4.75 4.99
N TYR A 37 -0.51 5.94 4.90
CA TYR A 37 -0.41 6.96 5.93
C TYR A 37 -1.34 6.68 7.12
N PHE A 1 3.25 4.69 7.66
CA PHE A 1 2.57 4.41 8.91
C PHE A 1 2.16 2.94 8.96
N GLY A 2 1.26 2.57 8.06
CA GLY A 2 1.03 1.19 7.66
C GLY A 2 2.30 0.64 7.03
N LEU A 3 2.68 -0.61 7.33
CA LEU A 3 3.75 -1.31 6.64
C LEU A 3 3.36 -2.76 6.44
N ILE A 4 3.44 -3.22 5.18
CA ILE A 4 2.72 -4.37 4.71
C ILE A 4 3.63 -5.06 3.69
N ASP A 5 3.40 -6.35 3.43
CA ASP A 5 4.26 -7.16 2.57
C ASP A 5 3.47 -7.78 1.42
N VAL A 6 2.57 -6.99 0.84
CA VAL A 6 1.96 -7.36 -0.44
C VAL A 6 2.86 -6.86 -1.58
N LYS A 7 3.17 -7.76 -2.51
CA LYS A 7 3.98 -7.54 -3.69
C LYS A 7 3.56 -6.30 -4.50
N CYS A 8 4.30 -5.21 -4.34
CA CYS A 8 4.16 -4.02 -5.17
C CYS A 8 4.58 -4.32 -6.60
N PHE A 9 3.67 -4.00 -7.52
CA PHE A 9 3.98 -3.67 -8.89
C PHE A 9 4.05 -2.15 -9.06
N ALA A 10 3.58 -1.37 -8.07
CA ALA A 10 3.54 0.09 -8.11
C ALA A 10 3.00 0.61 -6.77
N SER A 11 3.39 1.84 -6.41
CA SER A 11 2.86 2.58 -5.27
C SER A 11 1.34 2.68 -5.33
N SER A 12 0.80 2.91 -6.53
CA SER A 12 -0.62 3.07 -6.74
C SER A 12 -1.40 1.82 -6.30
N GLU A 13 -0.76 0.64 -6.30
CA GLU A 13 -1.37 -0.56 -5.78
C GLU A 13 -1.72 -0.36 -4.30
N CYS A 14 -0.70 -0.03 -3.51
CA CYS A 14 -0.68 0.14 -2.07
C CYS A 14 -1.83 1.02 -1.64
N TRP A 15 -2.18 1.94 -2.54
CA TRP A 15 -3.31 2.80 -2.31
C TRP A 15 -4.55 1.90 -2.24
N THR A 16 -4.87 1.22 -3.35
CA THR A 16 -5.92 0.24 -3.40
C THR A 16 -5.82 -0.75 -2.25
N ALA A 17 -4.62 -1.17 -1.89
CA ALA A 17 -4.42 -2.10 -0.77
C ALA A 17 -5.02 -1.52 0.51
N CYS A 18 -4.57 -0.32 0.90
CA CYS A 18 -5.08 0.33 2.10
C CYS A 18 -6.58 0.57 1.99
N LYS A 19 -7.03 0.86 0.76
CA LYS A 19 -8.43 1.06 0.50
C LYS A 19 -9.23 -0.23 0.73
N LYS A 20 -8.70 -1.34 0.24
CA LYS A 20 -9.29 -2.67 0.37
C LYS A 20 -9.60 -2.94 1.85
N VAL A 21 -8.59 -2.81 2.72
CA VAL A 21 -8.78 -3.01 4.14
C VAL A 21 -9.66 -1.93 4.77
N THR A 22 -9.21 -0.68 4.73
CA THR A 22 -9.80 0.40 5.51
C THR A 22 -10.65 1.30 4.63
N GLY A 23 -10.08 1.71 3.51
CA GLY A 23 -10.56 2.83 2.70
C GLY A 23 -9.53 3.95 2.62
N SER A 24 -8.55 3.96 3.52
CA SER A 24 -7.62 5.06 3.71
C SER A 24 -6.52 5.03 2.66
N GLY A 25 -6.88 5.27 1.40
CA GLY A 25 -6.12 4.90 0.22
C GLY A 25 -4.83 5.70 -0.05
N GLN A 26 -4.03 6.03 0.96
CA GLN A 26 -2.88 6.91 0.89
C GLN A 26 -1.63 6.12 1.25
N GLY A 27 -0.64 6.01 0.36
CA GLY A 27 0.55 5.22 0.68
C GLY A 27 1.59 5.33 -0.43
N LYS A 28 2.62 4.48 -0.38
CA LYS A 28 3.55 4.23 -1.48
C LYS A 28 4.08 2.81 -1.28
N CYS A 29 4.62 2.24 -2.36
CA CYS A 29 5.23 0.92 -2.29
C CYS A 29 6.71 1.10 -1.94
N GLN A 30 7.36 0.01 -1.55
CA GLN A 30 8.79 -0.06 -1.47
C GLN A 30 9.18 -1.45 -1.94
N ASN A 31 10.27 -1.59 -2.70
CA ASN A 31 10.87 -2.88 -2.99
C ASN A 31 9.89 -3.78 -3.77
N ASN A 32 9.14 -4.62 -3.05
CA ASN A 32 7.92 -5.31 -3.47
C ASN A 32 7.12 -5.57 -2.20
N GLN A 33 6.86 -4.49 -1.48
CA GLN A 33 6.18 -4.35 -0.21
C GLN A 33 5.50 -2.98 -0.29
N CYS A 34 4.72 -2.58 0.73
CA CYS A 34 3.94 -1.37 0.60
C CYS A 34 3.62 -0.81 1.97
N ARG A 35 3.37 0.49 2.03
CA ARG A 35 3.25 1.24 3.27
C ARG A 35 2.14 2.28 3.12
N CYS A 36 1.27 2.40 4.13
CA CYS A 36 0.10 3.28 4.07
C CYS A 36 0.29 4.43 5.06
N TYR A 37 -0.40 5.55 4.87
CA TYR A 37 -0.27 6.77 5.64
C TYR A 37 -1.47 6.91 6.58
N PHE A 1 3.44 5.14 6.96
CA PHE A 1 3.10 4.91 8.36
C PHE A 1 2.92 3.40 8.56
N GLY A 2 1.83 2.88 8.01
CA GLY A 2 1.61 1.47 7.70
C GLY A 2 2.86 0.80 7.15
N LEU A 3 3.05 -0.50 7.42
CA LEU A 3 3.98 -1.32 6.67
C LEU A 3 3.33 -2.68 6.49
N ILE A 4 3.32 -3.18 5.25
CA ILE A 4 2.52 -4.31 4.87
C ILE A 4 3.40 -5.21 3.99
N ASP A 5 3.00 -6.46 3.80
CA ASP A 5 3.79 -7.48 3.14
C ASP A 5 3.53 -7.55 1.63
N VAL A 6 2.44 -6.96 1.14
CA VAL A 6 1.89 -7.39 -0.15
C VAL A 6 2.73 -6.88 -1.32
N LYS A 7 2.99 -7.78 -2.27
CA LYS A 7 3.64 -7.55 -3.56
C LYS A 7 3.22 -6.22 -4.19
N CYS A 8 4.12 -5.22 -4.18
CA CYS A 8 3.88 -4.02 -4.97
C CYS A 8 4.14 -4.29 -6.43
N PHE A 9 3.24 -3.83 -7.29
CA PHE A 9 3.56 -3.62 -8.70
C PHE A 9 3.97 -2.15 -8.92
N ALA A 10 3.66 -1.28 -7.96
CA ALA A 10 3.81 0.16 -8.02
C ALA A 10 3.27 0.70 -6.70
N SER A 11 3.55 1.97 -6.39
CA SER A 11 2.98 2.67 -5.25
C SER A 11 1.46 2.76 -5.35
N SER A 12 0.94 2.99 -6.56
CA SER A 12 -0.48 3.15 -6.77
C SER A 12 -1.26 1.93 -6.28
N GLU A 13 -0.71 0.74 -6.53
CA GLU A 13 -1.20 -0.52 -5.99
C GLU A 13 -1.59 -0.36 -4.50
N CYS A 14 -0.64 0.10 -3.69
CA CYS A 14 -0.68 0.23 -2.25
C CYS A 14 -1.84 1.10 -1.85
N TRP A 15 -2.19 2.02 -2.75
CA TRP A 15 -3.33 2.89 -2.50
C TRP A 15 -4.58 2.02 -2.46
N THR A 16 -4.91 1.41 -3.60
CA THR A 16 -5.99 0.45 -3.69
C THR A 16 -5.86 -0.66 -2.65
N ALA A 17 -4.66 -1.07 -2.26
CA ALA A 17 -4.52 -2.07 -1.19
C ALA A 17 -5.06 -1.53 0.13
N CYS A 18 -4.56 -0.36 0.56
CA CYS A 18 -4.98 0.27 1.79
C CYS A 18 -6.48 0.52 1.78
N LYS A 19 -6.99 0.89 0.60
CA LYS A 19 -8.40 1.12 0.41
C LYS A 19 -9.18 -0.17 0.63
N LYS A 20 -8.85 -1.20 -0.16
CA LYS A 20 -9.45 -2.52 -0.08
C LYS A 20 -9.47 -3.05 1.35
N VAL A 21 -8.35 -2.95 2.08
CA VAL A 21 -8.22 -3.45 3.41
C VAL A 21 -9.04 -2.56 4.35
N THR A 22 -8.70 -1.27 4.40
CA THR A 22 -9.06 -0.39 5.48
C THR A 22 -9.95 0.77 4.97
N GLY A 23 -9.62 1.35 3.80
CA GLY A 23 -10.32 2.48 3.20
C GLY A 23 -9.40 3.70 2.99
N SER A 24 -8.29 3.75 3.74
CA SER A 24 -7.52 4.95 3.98
C SER A 24 -6.48 5.15 2.90
N GLY A 25 -6.95 5.30 1.65
CA GLY A 25 -6.22 4.95 0.44
C GLY A 25 -4.91 5.68 0.07
N GLN A 26 -4.18 6.29 1.00
CA GLN A 26 -2.97 7.06 0.73
C GLN A 26 -1.74 6.30 1.21
N GLY A 27 -0.82 5.94 0.29
CA GLY A 27 0.33 5.11 0.61
C GLY A 27 1.40 5.18 -0.47
N LYS A 28 2.42 4.32 -0.38
CA LYS A 28 3.46 4.15 -1.38
C LYS A 28 4.04 2.75 -1.23
N CYS A 29 4.64 2.20 -2.29
CA CYS A 29 5.25 0.88 -2.23
C CYS A 29 6.72 1.03 -1.87
N GLN A 30 7.33 -0.05 -1.38
CA GLN A 30 8.75 -0.19 -1.27
C GLN A 30 9.09 -1.57 -1.82
N ASN A 31 10.01 -1.67 -2.78
CA ASN A 31 10.63 -2.94 -3.14
C ASN A 31 9.65 -3.89 -3.84
N ASN A 32 8.81 -4.55 -3.05
CA ASN A 32 7.66 -5.38 -3.37
C ASN A 32 6.86 -5.62 -2.09
N GLN A 33 6.67 -4.54 -1.33
CA GLN A 33 5.92 -4.42 -0.11
C GLN A 33 5.37 -3.00 -0.14
N CYS A 34 4.60 -2.56 0.86
CA CYS A 34 3.89 -1.30 0.74
C CYS A 34 3.64 -0.70 2.12
N ARG A 35 3.28 0.58 2.12
CA ARG A 35 3.02 1.37 3.30
C ARG A 35 1.83 2.26 3.04
N CYS A 36 1.13 2.61 4.12
CA CYS A 36 -0.04 3.48 4.07
C CYS A 36 0.09 4.54 5.14
N TYR A 37 -0.68 5.63 5.05
CA TYR A 37 -0.59 6.74 5.99
C TYR A 37 -1.38 6.44 7.27
N PHE A 1 -1.86 2.19 9.59
CA PHE A 1 -0.82 2.83 8.79
C PHE A 1 0.56 2.24 9.11
N GLY A 2 1.46 2.29 8.12
CA GLY A 2 2.85 1.91 8.27
C GLY A 2 3.30 1.07 7.08
N LEU A 3 3.71 -0.19 7.30
CA LEU A 3 4.29 -1.04 6.29
C LEU A 3 3.65 -2.43 6.26
N ILE A 4 3.57 -3.01 5.06
CA ILE A 4 2.87 -4.22 4.72
C ILE A 4 3.78 -4.95 3.74
N ASP A 5 3.60 -6.25 3.56
CA ASP A 5 4.50 -7.09 2.79
C ASP A 5 3.76 -7.79 1.66
N VAL A 6 2.86 -7.07 0.98
CA VAL A 6 2.24 -7.54 -0.25
C VAL A 6 3.02 -6.98 -1.44
N LYS A 7 3.27 -7.84 -2.43
CA LYS A 7 4.04 -7.51 -3.63
C LYS A 7 3.46 -6.32 -4.38
N CYS A 8 4.15 -5.17 -4.30
CA CYS A 8 3.86 -4.03 -5.16
C CYS A 8 4.17 -4.37 -6.60
N PHE A 9 3.19 -4.13 -7.47
CA PHE A 9 3.38 -3.88 -8.88
C PHE A 9 3.67 -2.39 -9.10
N ALA A 10 3.33 -1.53 -8.12
CA ALA A 10 3.52 -0.09 -8.16
C ALA A 10 3.11 0.49 -6.80
N SER A 11 3.35 1.78 -6.55
CA SER A 11 2.83 2.48 -5.38
C SER A 11 1.30 2.54 -5.39
N SER A 12 0.68 2.73 -6.56
CA SER A 12 -0.76 2.84 -6.66
C SER A 12 -1.45 1.59 -6.09
N GLU A 13 -0.82 0.43 -6.27
CA GLU A 13 -1.18 -0.81 -5.59
C GLU A 13 -1.54 -0.57 -4.13
N CYS A 14 -0.63 0.07 -3.41
CA CYS A 14 -0.63 0.28 -1.98
C CYS A 14 -1.80 1.15 -1.63
N TRP A 15 -2.17 2.01 -2.57
CA TRP A 15 -3.32 2.87 -2.38
C TRP A 15 -4.53 1.94 -2.32
N THR A 16 -4.83 1.26 -3.42
CA THR A 16 -5.91 0.30 -3.48
C THR A 16 -5.82 -0.74 -2.35
N ALA A 17 -4.62 -1.14 -1.90
CA ALA A 17 -4.48 -2.07 -0.80
C ALA A 17 -5.04 -1.46 0.49
N CYS A 18 -4.52 -0.28 0.84
CA CYS A 18 -4.96 0.42 2.04
C CYS A 18 -6.44 0.73 1.97
N LYS A 19 -6.94 1.00 0.76
CA LYS A 19 -8.34 1.24 0.53
C LYS A 19 -9.15 -0.02 0.82
N LYS A 20 -8.77 -1.12 0.17
CA LYS A 20 -9.39 -2.43 0.37
C LYS A 20 -9.51 -2.75 1.87
N VAL A 21 -8.43 -2.59 2.63
CA VAL A 21 -8.35 -2.93 4.01
C VAL A 21 -9.14 -1.92 4.83
N THR A 22 -8.79 -0.64 4.71
CA THR A 22 -9.16 0.38 5.66
C THR A 22 -9.59 1.71 5.00
N GLY A 23 -9.96 1.73 3.73
CA GLY A 23 -10.45 2.94 3.04
C GLY A 23 -9.38 4.01 2.76
N SER A 24 -8.32 4.07 3.59
CA SER A 24 -7.44 5.22 3.69
C SER A 24 -6.36 5.14 2.61
N GLY A 25 -6.76 5.39 1.36
CA GLY A 25 -5.99 5.00 0.18
C GLY A 25 -4.70 5.78 -0.10
N GLN A 26 -3.94 6.20 0.92
CA GLN A 26 -2.77 7.05 0.78
C GLN A 26 -1.51 6.25 1.12
N GLY A 27 -0.67 5.93 0.14
CA GLY A 27 0.47 5.05 0.38
C GLY A 27 1.55 5.15 -0.70
N LYS A 28 2.51 4.22 -0.66
CA LYS A 28 3.64 4.15 -1.57
C LYS A 28 4.27 2.78 -1.40
N CYS A 29 4.74 2.18 -2.51
CA CYS A 29 5.32 0.85 -2.44
C CYS A 29 6.80 0.97 -2.08
N GLN A 30 7.32 -0.03 -1.39
CA GLN A 30 8.72 -0.18 -1.04
C GLN A 30 9.17 -1.44 -1.75
N ASN A 31 10.03 -1.36 -2.76
CA ASN A 31 10.65 -2.52 -3.39
C ASN A 31 9.56 -3.40 -4.04
N ASN A 32 9.05 -4.38 -3.30
CA ASN A 32 7.82 -5.12 -3.60
C ASN A 32 7.17 -5.51 -2.27
N GLN A 33 6.95 -4.49 -1.46
CA GLN A 33 6.24 -4.41 -0.22
C GLN A 33 5.52 -3.07 -0.30
N CYS A 34 4.67 -2.67 0.65
CA CYS A 34 3.86 -1.49 0.46
C CYS A 34 3.62 -0.79 1.78
N ARG A 35 3.33 0.51 1.73
CA ARG A 35 3.27 1.34 2.91
C ARG A 35 2.10 2.30 2.78
N CYS A 36 1.55 2.68 3.92
CA CYS A 36 0.32 3.47 3.97
C CYS A 36 0.37 4.48 5.11
N TYR A 37 -0.17 5.68 4.85
CA TYR A 37 -0.06 6.86 5.70
C TYR A 37 -1.39 7.11 6.40
N PHE A 1 -1.70 2.69 9.96
CA PHE A 1 -0.76 3.11 8.95
C PHE A 1 0.54 2.31 9.13
N GLY A 2 1.47 2.44 8.18
CA GLY A 2 2.84 1.95 8.31
C GLY A 2 3.23 1.07 7.14
N LEU A 3 3.73 -0.15 7.39
CA LEU A 3 4.35 -0.99 6.38
C LEU A 3 3.72 -2.38 6.33
N ILE A 4 3.60 -2.93 5.11
CA ILE A 4 2.81 -4.08 4.78
C ILE A 4 3.63 -4.91 3.79
N ASP A 5 3.30 -6.18 3.60
CA ASP A 5 4.10 -7.14 2.88
C ASP A 5 3.79 -7.16 1.37
N VAL A 6 2.66 -6.60 0.94
CA VAL A 6 2.08 -7.04 -0.33
C VAL A 6 2.95 -6.66 -1.54
N LYS A 7 3.06 -7.59 -2.49
CA LYS A 7 3.93 -7.49 -3.65
C LYS A 7 3.51 -6.35 -4.57
N CYS A 8 4.15 -5.18 -4.41
CA CYS A 8 3.87 -4.04 -5.29
C CYS A 8 4.33 -4.32 -6.70
N PHE A 9 3.47 -4.02 -7.66
CA PHE A 9 3.85 -3.61 -9.00
C PHE A 9 4.11 -2.10 -9.02
N ALA A 10 3.47 -1.32 -8.14
CA ALA A 10 3.63 0.13 -8.06
C ALA A 10 2.94 0.66 -6.81
N SER A 11 3.30 1.86 -6.35
CA SER A 11 2.67 2.54 -5.22
C SER A 11 1.14 2.52 -5.25
N SER A 12 0.53 2.66 -6.43
CA SER A 12 -0.91 2.67 -6.56
C SER A 12 -1.54 1.37 -6.02
N GLU A 13 -0.79 0.27 -6.05
CA GLU A 13 -1.14 -0.98 -5.41
C GLU A 13 -1.44 -0.78 -3.92
N CYS A 14 -0.56 -0.05 -3.24
CA CYS A 14 -0.58 0.21 -1.82
C CYS A 14 -1.77 1.07 -1.54
N TRP A 15 -2.09 1.93 -2.50
CA TRP A 15 -3.25 2.79 -2.38
C TRP A 15 -4.46 1.87 -2.35
N THR A 16 -4.73 1.17 -3.46
CA THR A 16 -5.86 0.28 -3.57
C THR A 16 -5.86 -0.79 -2.48
N ALA A 17 -4.69 -1.20 -1.98
CA ALA A 17 -4.58 -2.15 -0.86
C ALA A 17 -5.10 -1.54 0.44
N CYS A 18 -4.56 -0.38 0.81
CA CYS A 18 -4.97 0.31 2.03
C CYS A 18 -6.44 0.65 1.97
N LYS A 19 -6.89 1.00 0.76
CA LYS A 19 -8.28 1.23 0.49
C LYS A 19 -9.08 -0.04 0.76
N LYS A 20 -8.68 -1.13 0.13
CA LYS A 20 -9.28 -2.46 0.28
C LYS A 20 -9.56 -2.76 1.75
N VAL A 21 -8.53 -2.64 2.60
CA VAL A 21 -8.57 -3.02 3.98
C VAL A 21 -9.31 -1.95 4.78
N THR A 22 -8.79 -0.72 4.77
CA THR A 22 -9.22 0.33 5.68
C THR A 22 -10.12 1.35 4.98
N GLY A 23 -9.77 1.74 3.75
CA GLY A 23 -10.32 2.89 3.06
C GLY A 23 -9.27 4.00 2.92
N SER A 24 -8.19 3.93 3.69
CA SER A 24 -7.25 5.04 3.91
C SER A 24 -6.24 5.10 2.77
N GLY A 25 -6.73 5.41 1.57
CA GLY A 25 -6.05 5.01 0.35
C GLY A 25 -4.77 5.78 -0.04
N GLN A 26 -3.94 6.21 0.90
CA GLN A 26 -2.73 7.00 0.68
C GLN A 26 -1.51 6.17 1.06
N GLY A 27 -0.54 5.98 0.17
CA GLY A 27 0.60 5.14 0.47
C GLY A 27 1.70 5.24 -0.59
N LYS A 28 2.67 4.33 -0.54
CA LYS A 28 3.75 4.22 -1.51
C LYS A 28 4.32 2.81 -1.41
N CYS A 29 4.69 2.22 -2.55
CA CYS A 29 5.24 0.87 -2.53
C CYS A 29 6.74 0.97 -2.30
N GLN A 30 7.33 -0.10 -1.80
CA GLN A 30 8.76 -0.20 -1.57
C GLN A 30 9.14 -1.59 -2.06
N ASN A 31 10.08 -1.70 -2.99
CA ASN A 31 10.70 -2.97 -3.33
C ASN A 31 9.68 -3.88 -4.03
N ASN A 32 8.98 -4.72 -3.26
CA ASN A 32 7.71 -5.37 -3.59
C ASN A 32 7.03 -5.67 -2.25
N GLN A 33 6.85 -4.60 -1.50
CA GLN A 33 6.17 -4.46 -0.23
C GLN A 33 5.51 -3.08 -0.33
N CYS A 34 4.72 -2.65 0.65
CA CYS A 34 3.99 -1.40 0.49
C CYS A 34 3.78 -0.73 1.82
N ARG A 35 3.47 0.57 1.79
CA ARG A 35 3.34 1.37 2.98
C ARG A 35 2.16 2.30 2.81
N CYS A 36 1.53 2.65 3.94
CA CYS A 36 0.29 3.41 3.96
C CYS A 36 0.34 4.48 5.05
N TYR A 37 -0.32 5.60 4.80
CA TYR A 37 -0.28 6.83 5.59
C TYR A 37 -1.70 7.37 5.77
N PHE A 1 4.21 5.42 6.79
CA PHE A 1 3.83 5.22 8.17
C PHE A 1 3.71 3.72 8.42
N GLY A 2 2.79 3.11 7.67
CA GLY A 2 2.51 1.68 7.62
C GLY A 2 3.74 0.87 7.24
N LEU A 3 3.63 -0.45 7.34
CA LEU A 3 4.42 -1.40 6.58
C LEU A 3 3.57 -2.67 6.49
N ILE A 4 3.44 -3.25 5.30
CA ILE A 4 2.59 -4.39 5.05
C ILE A 4 3.41 -5.42 4.26
N ASP A 5 2.79 -6.53 3.85
CA ASP A 5 3.36 -7.39 2.83
C ASP A 5 2.29 -7.86 1.85
N VAL A 6 2.05 -7.00 0.86
CA VAL A 6 1.48 -7.39 -0.42
C VAL A 6 2.42 -6.80 -1.47
N LYS A 7 2.74 -7.60 -2.49
CA LYS A 7 3.78 -7.32 -3.45
C LYS A 7 3.40 -6.15 -4.35
N CYS A 8 4.15 -5.06 -4.26
CA CYS A 8 3.95 -3.88 -5.10
C CYS A 8 4.31 -4.20 -6.54
N PHE A 9 3.36 -3.95 -7.43
CA PHE A 9 3.65 -3.60 -8.81
C PHE A 9 4.07 -2.12 -8.87
N ALA A 10 3.60 -1.29 -7.93
CA ALA A 10 3.78 0.15 -7.94
C ALA A 10 3.12 0.73 -6.69
N SER A 11 3.60 1.89 -6.24
CA SER A 11 3.01 2.66 -5.16
C SER A 11 1.52 2.86 -5.32
N SER A 12 1.07 3.10 -6.54
CA SER A 12 -0.33 3.36 -6.84
C SER A 12 -1.21 2.16 -6.49
N GLU A 13 -0.64 0.95 -6.38
CA GLU A 13 -1.40 -0.22 -5.97
C GLU A 13 -1.69 -0.14 -4.47
N CYS A 14 -0.65 0.10 -3.66
CA CYS A 14 -0.69 0.20 -2.22
C CYS A 14 -1.83 1.08 -1.77
N TRP A 15 -2.18 2.01 -2.64
CA TRP A 15 -3.35 2.83 -2.46
C TRP A 15 -4.57 1.92 -2.41
N THR A 16 -4.95 1.34 -3.56
CA THR A 16 -6.02 0.36 -3.66
C THR A 16 -5.88 -0.77 -2.63
N ALA A 17 -4.66 -1.16 -2.23
CA ALA A 17 -4.50 -2.13 -1.16
C ALA A 17 -5.07 -1.58 0.15
N CYS A 18 -4.59 -0.40 0.58
CA CYS A 18 -5.05 0.23 1.80
C CYS A 18 -6.55 0.46 1.77
N LYS A 19 -7.06 0.78 0.57
CA LYS A 19 -8.47 0.92 0.33
C LYS A 19 -9.21 -0.39 0.56
N LYS A 20 -8.71 -1.46 -0.06
CA LYS A 20 -9.25 -2.81 0.08
C LYS A 20 -9.45 -3.16 1.56
N VAL A 21 -8.41 -3.04 2.38
CA VAL A 21 -8.53 -3.33 3.79
C VAL A 21 -9.44 -2.33 4.51
N THR A 22 -9.06 -1.05 4.49
CA THR A 22 -9.67 -0.05 5.36
C THR A 22 -10.57 0.90 4.56
N GLY A 23 -10.04 1.37 3.43
CA GLY A 23 -10.58 2.51 2.70
C GLY A 23 -9.57 3.66 2.65
N SER A 24 -8.56 3.64 3.52
CA SER A 24 -7.65 4.75 3.79
C SER A 24 -6.60 4.86 2.68
N GLY A 25 -7.02 5.12 1.44
CA GLY A 25 -6.27 4.81 0.23
C GLY A 25 -4.98 5.60 -0.05
N GLN A 26 -4.25 6.10 0.96
CA GLN A 26 -3.09 6.96 0.81
C GLN A 26 -1.83 6.24 1.28
N GLY A 27 -0.96 5.85 0.34
CA GLY A 27 0.23 5.06 0.65
C GLY A 27 1.32 5.20 -0.40
N LYS A 28 2.34 4.34 -0.33
CA LYS A 28 3.39 4.16 -1.34
C LYS A 28 3.96 2.76 -1.17
N CYS A 29 4.58 2.22 -2.22
CA CYS A 29 5.19 0.89 -2.14
C CYS A 29 6.63 1.05 -1.67
N GLN A 30 7.23 -0.05 -1.21
CA GLN A 30 8.65 -0.12 -0.96
C GLN A 30 9.11 -1.48 -1.45
N ASN A 31 10.05 -1.51 -2.39
CA ASN A 31 10.72 -2.72 -2.80
C ASN A 31 9.76 -3.60 -3.61
N ASN A 32 9.01 -4.47 -2.92
CA ASN A 32 7.78 -5.15 -3.36
C ASN A 32 7.06 -5.56 -2.07
N GLN A 33 6.86 -4.57 -1.21
CA GLN A 33 5.96 -4.52 -0.08
C GLN A 33 5.37 -3.12 -0.17
N CYS A 34 4.55 -2.70 0.79
CA CYS A 34 3.81 -1.46 0.66
C CYS A 34 3.49 -0.88 2.02
N ARG A 35 3.07 0.40 2.02
CA ARG A 35 2.94 1.22 3.20
C ARG A 35 1.79 2.18 2.99
N CYS A 36 1.18 2.59 4.10
CA CYS A 36 -0.02 3.42 4.11
C CYS A 36 0.04 4.37 5.29
N TYR A 37 -0.54 5.56 5.16
CA TYR A 37 -0.38 6.63 6.12
C TYR A 37 -1.09 6.34 7.45
N PHE A 1 3.87 5.33 6.52
CA PHE A 1 3.63 4.98 7.92
C PHE A 1 3.57 3.46 8.06
N GLY A 2 2.43 2.89 7.63
CA GLY A 2 2.12 1.47 7.61
C GLY A 2 3.24 0.64 6.99
N LEU A 3 3.28 -0.68 7.24
CA LEU A 3 4.10 -1.58 6.47
C LEU A 3 3.38 -2.91 6.30
N ILE A 4 3.31 -3.41 5.06
CA ILE A 4 2.50 -4.52 4.65
C ILE A 4 3.33 -5.29 3.62
N ASP A 5 3.00 -6.56 3.40
CA ASP A 5 3.87 -7.51 2.72
C ASP A 5 3.48 -7.73 1.24
N VAL A 6 2.55 -6.94 0.72
CA VAL A 6 1.99 -7.21 -0.60
C VAL A 6 2.94 -6.76 -1.71
N LYS A 7 3.09 -7.62 -2.72
CA LYS A 7 3.98 -7.44 -3.86
C LYS A 7 3.61 -6.20 -4.67
N CYS A 8 4.27 -5.08 -4.37
CA CYS A 8 4.17 -3.88 -5.18
C CYS A 8 4.64 -4.13 -6.60
N PHE A 9 3.73 -3.93 -7.54
CA PHE A 9 4.04 -3.54 -8.90
C PHE A 9 4.24 -2.03 -8.97
N ALA A 10 3.72 -1.27 -8.00
CA ALA A 10 3.74 0.19 -8.00
C ALA A 10 3.08 0.69 -6.71
N SER A 11 3.51 1.85 -6.22
CA SER A 11 2.90 2.55 -5.09
C SER A 11 1.38 2.68 -5.19
N SER A 12 0.85 2.85 -6.40
CA SER A 12 -0.58 2.97 -6.60
C SER A 12 -1.33 1.71 -6.15
N GLU A 13 -0.68 0.55 -6.21
CA GLU A 13 -1.25 -0.70 -5.70
C GLU A 13 -1.65 -0.53 -4.23
N CYS A 14 -0.68 -0.09 -3.44
CA CYS A 14 -0.70 0.07 -2.00
C CYS A 14 -1.86 0.95 -1.61
N TRP A 15 -2.18 1.87 -2.52
CA TRP A 15 -3.30 2.76 -2.29
C TRP A 15 -4.55 1.89 -2.24
N THR A 16 -4.92 1.29 -3.37
CA THR A 16 -6.03 0.37 -3.45
C THR A 16 -5.92 -0.75 -2.39
N ALA A 17 -4.72 -1.19 -2.00
CA ALA A 17 -4.60 -2.17 -0.92
C ALA A 17 -5.17 -1.59 0.38
N CYS A 18 -4.70 -0.40 0.76
CA CYS A 18 -5.16 0.26 1.97
C CYS A 18 -6.64 0.58 1.86
N LYS A 19 -7.11 0.91 0.66
CA LYS A 19 -8.51 1.16 0.44
C LYS A 19 -9.31 -0.10 0.75
N LYS A 20 -8.89 -1.21 0.12
CA LYS A 20 -9.53 -2.49 0.27
C LYS A 20 -9.60 -2.93 1.73
N VAL A 21 -8.53 -2.73 2.50
CA VAL A 21 -8.45 -3.08 3.89
C VAL A 21 -9.34 -2.14 4.69
N THR A 22 -9.04 -0.84 4.61
CA THR A 22 -9.58 0.17 5.50
C THR A 22 -10.44 1.21 4.76
N GLY A 23 -9.93 1.72 3.63
CA GLY A 23 -10.59 2.78 2.85
C GLY A 23 -9.65 3.97 2.63
N SER A 24 -8.67 4.10 3.52
CA SER A 24 -7.75 5.23 3.60
C SER A 24 -6.67 5.05 2.54
N GLY A 25 -7.03 5.26 1.27
CA GLY A 25 -6.21 4.91 0.11
C GLY A 25 -4.95 5.76 -0.11
N GLN A 26 -4.22 6.13 0.95
CA GLN A 26 -3.07 7.01 0.94
C GLN A 26 -1.83 6.19 1.34
N GLY A 27 -0.85 6.01 0.46
CA GLY A 27 0.29 5.18 0.81
C GLY A 27 1.38 5.30 -0.24
N LYS A 28 2.32 4.34 -0.24
CA LYS A 28 3.24 4.12 -1.34
C LYS A 28 3.93 2.77 -1.13
N CYS A 29 4.57 2.24 -2.17
CA CYS A 29 5.18 0.92 -2.05
C CYS A 29 6.61 1.06 -1.49
N GLN A 30 7.22 -0.08 -1.17
CA GLN A 30 8.60 -0.18 -0.78
C GLN A 30 9.09 -1.51 -1.35
N ASN A 31 10.11 -1.53 -2.20
CA ASN A 31 10.76 -2.76 -2.60
C ASN A 31 9.81 -3.60 -3.50
N ASN A 32 9.05 -4.51 -2.89
CA ASN A 32 7.84 -5.16 -3.39
C ASN A 32 7.05 -5.58 -2.14
N GLN A 33 6.84 -4.59 -1.28
CA GLN A 33 6.08 -4.56 -0.06
C GLN A 33 5.41 -3.19 -0.12
N CYS A 34 4.55 -2.79 0.83
CA CYS A 34 3.81 -1.55 0.67
C CYS A 34 3.50 -0.92 2.02
N ARG A 35 3.13 0.37 1.98
CA ARG A 35 2.98 1.20 3.18
C ARG A 35 1.80 2.13 3.01
N CYS A 36 1.18 2.47 4.14
CA CYS A 36 -0.04 3.27 4.14
C CYS A 36 -0.08 4.29 5.26
N TYR A 37 -0.47 5.52 4.91
CA TYR A 37 -0.62 6.66 5.79
C TYR A 37 -1.95 6.55 6.54
N PHE A 1 3.44 5.14 6.96
CA PHE A 1 3.10 4.91 8.36
C PHE A 1 2.92 3.40 8.56
N GLY A 2 1.83 2.88 8.01
CA GLY A 2 1.61 1.47 7.70
C GLY A 2 2.86 0.80 7.15
N LEU A 3 3.05 -0.50 7.42
CA LEU A 3 3.98 -1.32 6.67
C LEU A 3 3.33 -2.68 6.49
N ILE A 4 3.32 -3.18 5.25
CA ILE A 4 2.52 -4.31 4.87
C ILE A 4 3.40 -5.21 3.99
N ASP A 5 3.00 -6.46 3.80
CA ASP A 5 3.79 -7.48 3.14
C ASP A 5 3.53 -7.55 1.63
N VAL A 6 2.44 -6.96 1.14
CA VAL A 6 1.89 -7.39 -0.15
C VAL A 6 2.73 -6.88 -1.32
N LYS A 7 2.99 -7.78 -2.27
CA LYS A 7 3.64 -7.55 -3.56
C LYS A 7 3.22 -6.22 -4.19
N CYS A 8 4.12 -5.22 -4.18
CA CYS A 8 3.88 -4.02 -4.97
C CYS A 8 4.14 -4.29 -6.43
N PHE A 9 3.24 -3.83 -7.29
CA PHE A 9 3.56 -3.62 -8.70
C PHE A 9 3.97 -2.15 -8.92
N ALA A 10 3.66 -1.28 -7.96
CA ALA A 10 3.81 0.16 -8.02
C ALA A 10 3.27 0.70 -6.70
N SER A 11 3.55 1.97 -6.39
CA SER A 11 2.98 2.67 -5.25
C SER A 11 1.46 2.76 -5.35
N SER A 12 0.94 2.99 -6.56
CA SER A 12 -0.48 3.15 -6.77
C SER A 12 -1.26 1.93 -6.28
N GLU A 13 -0.71 0.74 -6.53
CA GLU A 13 -1.20 -0.52 -5.99
C GLU A 13 -1.59 -0.36 -4.50
N CYS A 14 -0.64 0.10 -3.69
CA CYS A 14 -0.68 0.23 -2.25
C CYS A 14 -1.84 1.10 -1.85
N TRP A 15 -2.19 2.02 -2.75
CA TRP A 15 -3.33 2.89 -2.50
C TRP A 15 -4.58 2.02 -2.46
N THR A 16 -4.91 1.41 -3.60
CA THR A 16 -5.99 0.45 -3.69
C THR A 16 -5.86 -0.66 -2.65
N ALA A 17 -4.66 -1.07 -2.26
CA ALA A 17 -4.52 -2.07 -1.19
C ALA A 17 -5.06 -1.53 0.13
N CYS A 18 -4.56 -0.36 0.56
CA CYS A 18 -4.98 0.27 1.79
C CYS A 18 -6.48 0.52 1.78
N LYS A 19 -6.99 0.89 0.60
CA LYS A 19 -8.40 1.12 0.41
C LYS A 19 -9.18 -0.17 0.63
N LYS A 20 -8.85 -1.20 -0.16
CA LYS A 20 -9.45 -2.52 -0.08
C LYS A 20 -9.47 -3.05 1.35
N VAL A 21 -8.35 -2.95 2.08
CA VAL A 21 -8.22 -3.45 3.41
C VAL A 21 -9.04 -2.56 4.35
N THR A 22 -8.70 -1.27 4.40
CA THR A 22 -9.06 -0.39 5.48
C THR A 22 -9.95 0.77 4.97
N GLY A 23 -9.62 1.35 3.80
CA GLY A 23 -10.32 2.48 3.20
C GLY A 23 -9.40 3.70 2.99
N SER A 24 -8.29 3.75 3.74
CA SER A 24 -7.52 4.95 3.98
C SER A 24 -6.48 5.15 2.90
N GLY A 25 -6.95 5.30 1.65
CA GLY A 25 -6.22 4.95 0.44
C GLY A 25 -4.91 5.68 0.07
N GLN A 26 -4.18 6.29 1.00
CA GLN A 26 -2.97 7.06 0.73
C GLN A 26 -1.74 6.30 1.21
N GLY A 27 -0.82 5.94 0.29
CA GLY A 27 0.33 5.12 0.61
C GLY A 27 1.40 5.18 -0.47
N LYS A 28 2.42 4.32 -0.38
CA LYS A 28 3.46 4.15 -1.38
C LYS A 28 4.04 2.75 -1.23
N CYS A 29 4.64 2.20 -2.29
CA CYS A 29 5.25 0.88 -2.23
C CYS A 29 6.72 1.03 -1.87
N GLN A 30 7.33 -0.05 -1.38
CA GLN A 30 8.75 -0.19 -1.27
C GLN A 30 9.09 -1.57 -1.82
N ASN A 31 10.01 -1.67 -2.78
CA ASN A 31 10.63 -2.94 -3.14
C ASN A 31 9.65 -3.89 -3.84
N ASN A 32 8.81 -4.55 -3.05
CA ASN A 32 7.66 -5.38 -3.37
C ASN A 32 6.86 -5.62 -2.09
N GLN A 33 6.67 -4.54 -1.33
CA GLN A 33 5.92 -4.42 -0.11
C GLN A 33 5.37 -3.00 -0.14
N CYS A 34 4.60 -2.56 0.86
CA CYS A 34 3.89 -1.30 0.74
C CYS A 34 3.64 -0.70 2.12
N ARG A 35 3.28 0.58 2.12
CA ARG A 35 3.02 1.37 3.30
C ARG A 35 1.83 2.26 3.04
N CYS A 36 1.13 2.61 4.12
CA CYS A 36 -0.04 3.48 4.07
C CYS A 36 0.09 4.54 5.14
N TYR A 37 -0.68 5.63 5.05
CA TYR A 37 -0.59 6.74 5.99
C TYR A 37 -1.38 6.44 7.27
N PHE A 1 -1.67 3.11 9.80
CA PHE A 1 -0.59 3.48 8.89
C PHE A 1 0.67 2.67 9.17
N GLY A 2 1.47 2.41 8.14
CA GLY A 2 2.78 1.79 8.24
C GLY A 2 2.99 0.78 7.14
N LEU A 3 3.83 -0.24 7.38
CA LEU A 3 4.25 -1.19 6.36
C LEU A 3 3.31 -2.39 6.29
N ILE A 4 3.17 -2.96 5.10
CA ILE A 4 2.39 -4.14 4.82
C ILE A 4 3.33 -5.12 4.13
N ASP A 5 2.95 -6.39 3.99
CA ASP A 5 3.80 -7.41 3.39
C ASP A 5 3.05 -8.13 2.28
N VAL A 6 2.60 -7.34 1.31
CA VAL A 6 2.10 -7.84 0.04
C VAL A 6 2.81 -7.09 -1.08
N LYS A 7 3.09 -7.80 -2.18
CA LYS A 7 3.87 -7.32 -3.31
C LYS A 7 3.32 -6.02 -3.93
N CYS A 8 4.21 -5.06 -4.17
CA CYS A 8 3.93 -3.93 -5.04
C CYS A 8 4.24 -4.30 -6.47
N PHE A 9 3.36 -3.86 -7.39
CA PHE A 9 3.73 -3.63 -8.78
C PHE A 9 4.19 -2.18 -8.97
N ALA A 10 3.80 -1.29 -8.04
CA ALA A 10 3.99 0.14 -8.07
C ALA A 10 3.39 0.68 -6.77
N SER A 11 3.55 1.98 -6.49
CA SER A 11 2.91 2.64 -5.36
C SER A 11 1.39 2.66 -5.47
N SER A 12 0.86 2.75 -6.69
CA SER A 12 -0.56 2.92 -6.92
C SER A 12 -1.36 1.86 -6.19
N GLU A 13 -1.03 0.61 -6.47
CA GLU A 13 -1.43 -0.58 -5.79
C GLU A 13 -1.67 -0.40 -4.30
N CYS A 14 -0.64 0.05 -3.57
CA CYS A 14 -0.61 0.21 -2.14
C CYS A 14 -1.78 1.06 -1.69
N TRP A 15 -2.20 1.95 -2.59
CA TRP A 15 -3.31 2.84 -2.33
C TRP A 15 -4.54 1.97 -2.23
N THR A 16 -4.93 1.35 -3.35
CA THR A 16 -6.01 0.40 -3.41
C THR A 16 -5.87 -0.68 -2.34
N ALA A 17 -4.65 -1.08 -1.95
CA ALA A 17 -4.48 -2.03 -0.86
C ALA A 17 -5.05 -1.44 0.42
N CYS A 18 -4.55 -0.26 0.81
CA CYS A 18 -5.02 0.41 2.02
C CYS A 18 -6.51 0.70 1.94
N LYS A 19 -7.01 1.00 0.74
CA LYS A 19 -8.42 1.24 0.53
C LYS A 19 -9.23 -0.02 0.83
N LYS A 20 -8.86 -1.11 0.16
CA LYS A 20 -9.50 -2.41 0.33
C LYS A 20 -9.46 -2.87 1.79
N VAL A 21 -8.35 -2.64 2.50
CA VAL A 21 -8.18 -3.02 3.87
C VAL A 21 -9.01 -2.08 4.76
N THR A 22 -8.62 -0.80 4.82
CA THR A 22 -9.19 0.14 5.77
C THR A 22 -10.10 1.15 5.10
N GLY A 23 -9.72 1.63 3.91
CA GLY A 23 -10.32 2.79 3.24
C GLY A 23 -9.29 3.91 3.07
N SER A 24 -8.17 3.83 3.80
CA SER A 24 -7.22 4.93 3.97
C SER A 24 -6.28 5.00 2.77
N GLY A 25 -6.81 5.30 1.59
CA GLY A 25 -6.17 5.01 0.31
C GLY A 25 -4.94 5.83 -0.08
N GLN A 26 -4.03 6.17 0.85
CA GLN A 26 -2.84 6.95 0.63
C GLN A 26 -1.62 6.13 1.03
N GLY A 27 -0.76 5.75 0.09
CA GLY A 27 0.36 4.88 0.37
C GLY A 27 1.46 5.02 -0.68
N LYS A 28 2.52 4.24 -0.56
CA LYS A 28 3.65 4.19 -1.49
C LYS A 28 4.25 2.81 -1.38
N CYS A 29 4.76 2.27 -2.50
CA CYS A 29 5.38 0.97 -2.46
C CYS A 29 6.85 1.13 -2.14
N GLN A 30 7.50 0.03 -1.78
CA GLN A 30 8.93 -0.06 -1.60
C GLN A 30 9.34 -1.39 -2.22
N ASN A 31 10.19 -1.38 -3.25
CA ASN A 31 10.77 -2.59 -3.81
C ASN A 31 9.68 -3.48 -4.41
N ASN A 32 9.12 -4.38 -3.59
CA ASN A 32 7.92 -5.17 -3.83
C ASN A 32 7.31 -5.50 -2.47
N GLN A 33 7.09 -4.45 -1.68
CA GLN A 33 6.41 -4.40 -0.40
C GLN A 33 5.68 -3.05 -0.46
N CYS A 34 4.72 -2.75 0.42
CA CYS A 34 3.95 -1.52 0.30
C CYS A 34 3.65 -0.95 1.67
N ARG A 35 3.35 0.34 1.71
CA ARG A 35 3.21 1.09 2.95
C ARG A 35 2.09 2.09 2.78
N CYS A 36 1.48 2.45 3.90
CA CYS A 36 0.28 3.28 3.95
C CYS A 36 0.44 4.39 4.98
N TYR A 37 -0.06 5.58 4.66
CA TYR A 37 0.28 6.84 5.31
C TYR A 37 -1.00 7.47 5.88
N PHE A 1 -2.54 3.05 9.30
CA PHE A 1 -1.28 3.39 8.65
C PHE A 1 -0.17 2.41 9.04
N GLY A 2 0.90 2.40 8.25
CA GLY A 2 2.14 1.71 8.58
C GLY A 2 2.52 0.72 7.50
N LEU A 3 3.24 -0.36 7.87
CA LEU A 3 4.04 -1.15 6.95
C LEU A 3 3.49 -2.54 6.66
N ILE A 4 3.46 -2.91 5.36
CA ILE A 4 2.71 -4.04 4.88
C ILE A 4 3.65 -4.70 3.86
N ASP A 5 3.53 -6.00 3.60
CA ASP A 5 4.52 -6.70 2.78
C ASP A 5 3.85 -7.37 1.58
N VAL A 6 2.83 -6.70 1.03
CA VAL A 6 2.21 -7.17 -0.21
C VAL A 6 3.10 -6.79 -1.41
N LYS A 7 3.27 -7.72 -2.34
CA LYS A 7 4.13 -7.58 -3.49
C LYS A 7 3.64 -6.50 -4.45
N CYS A 8 4.20 -5.30 -4.31
CA CYS A 8 3.89 -4.19 -5.21
C CYS A 8 4.29 -4.51 -6.64
N PHE A 9 3.35 -4.26 -7.53
CA PHE A 9 3.58 -3.98 -8.93
C PHE A 9 3.79 -2.48 -9.11
N ALA A 10 3.23 -1.65 -8.22
CA ALA A 10 3.37 -0.19 -8.27
C ALA A 10 2.92 0.42 -6.95
N SER A 11 3.33 1.65 -6.67
CA SER A 11 2.88 2.42 -5.50
C SER A 11 1.37 2.59 -5.51
N SER A 12 0.79 2.86 -6.68
CA SER A 12 -0.63 3.09 -6.82
C SER A 12 -1.44 1.88 -6.37
N GLU A 13 -0.85 0.69 -6.40
CA GLU A 13 -1.47 -0.51 -5.85
C GLU A 13 -1.68 -0.37 -4.35
N CYS A 14 -0.68 0.14 -3.63
CA CYS A 14 -0.66 0.31 -2.21
C CYS A 14 -1.81 1.20 -1.80
N TRP A 15 -2.19 2.07 -2.73
CA TRP A 15 -3.30 2.98 -2.48
C TRP A 15 -4.56 2.13 -2.35
N THR A 16 -4.99 1.51 -3.46
CA THR A 16 -6.10 0.60 -3.49
C THR A 16 -5.94 -0.52 -2.44
N ALA A 17 -4.72 -0.91 -2.07
CA ALA A 17 -4.51 -1.88 -1.01
C ALA A 17 -5.00 -1.32 0.32
N CYS A 18 -4.49 -0.15 0.71
CA CYS A 18 -4.88 0.46 1.97
C CYS A 18 -6.36 0.77 1.97
N LYS A 19 -6.91 1.10 0.80
CA LYS A 19 -8.32 1.30 0.65
C LYS A 19 -9.09 0.02 0.94
N LYS A 20 -8.83 -1.02 0.16
CA LYS A 20 -9.56 -2.26 0.25
C LYS A 20 -9.44 -2.92 1.63
N VAL A 21 -8.31 -2.73 2.32
CA VAL A 21 -8.10 -3.21 3.65
C VAL A 21 -8.79 -2.30 4.65
N THR A 22 -8.43 -0.99 4.64
CA THR A 22 -8.72 -0.09 5.75
C THR A 22 -9.14 1.31 5.30
N GLY A 23 -9.70 1.47 4.10
CA GLY A 23 -10.19 2.75 3.57
C GLY A 23 -9.11 3.80 3.27
N SER A 24 -7.95 3.71 3.91
CA SER A 24 -7.07 4.86 4.13
C SER A 24 -6.11 5.02 2.95
N GLY A 25 -6.65 5.33 1.77
CA GLY A 25 -6.04 5.02 0.48
C GLY A 25 -4.74 5.73 0.08
N GLN A 26 -3.91 6.23 1.01
CA GLN A 26 -2.71 7.00 0.73
C GLN A 26 -1.47 6.19 1.13
N GLY A 27 -0.55 5.92 0.20
CA GLY A 27 0.62 5.12 0.49
C GLY A 27 1.62 5.14 -0.65
N LYS A 28 2.59 4.22 -0.62
CA LYS A 28 3.57 4.01 -1.68
C LYS A 28 4.20 2.64 -1.50
N CYS A 29 4.71 2.08 -2.60
CA CYS A 29 5.30 0.75 -2.58
C CYS A 29 6.80 0.89 -2.31
N GLN A 30 7.47 -0.21 -1.97
CA GLN A 30 8.88 -0.28 -1.66
C GLN A 30 9.32 -1.66 -2.12
N ASN A 31 10.29 -1.79 -3.02
CA ASN A 31 10.80 -3.08 -3.49
C ASN A 31 9.65 -3.89 -4.09
N ASN A 32 9.05 -4.77 -3.28
CA ASN A 32 7.77 -5.43 -3.52
C ASN A 32 7.11 -5.62 -2.16
N GLN A 33 6.87 -4.49 -1.52
CA GLN A 33 6.21 -4.27 -0.25
C GLN A 33 5.49 -2.94 -0.39
N CYS A 34 4.68 -2.53 0.59
CA CYS A 34 3.90 -1.31 0.48
C CYS A 34 3.71 -0.74 1.87
N ARG A 35 3.46 0.55 1.96
CA ARG A 35 3.37 1.29 3.21
C ARG A 35 2.36 2.42 3.06
N CYS A 36 1.59 2.69 4.13
CA CYS A 36 0.38 3.48 4.06
C CYS A 36 0.39 4.55 5.16
N TYR A 37 -0.23 5.70 4.88
CA TYR A 37 -0.15 6.92 5.66
C TYR A 37 -1.55 7.51 5.85
N PHE A 1 -2.23 3.03 9.67
CA PHE A 1 -1.15 3.36 8.77
C PHE A 1 0.01 2.39 9.04
N GLY A 2 1.07 2.50 8.25
CA GLY A 2 2.34 1.83 8.49
C GLY A 2 2.60 0.73 7.46
N LEU A 3 3.37 -0.29 7.85
CA LEU A 3 4.12 -1.11 6.91
C LEU A 3 3.52 -2.48 6.64
N ILE A 4 3.50 -2.87 5.35
CA ILE A 4 2.82 -4.03 4.87
C ILE A 4 3.83 -4.68 3.91
N ASP A 5 3.70 -5.95 3.59
CA ASP A 5 4.71 -6.64 2.80
C ASP A 5 4.03 -7.53 1.77
N VAL A 6 3.06 -6.94 1.08
CA VAL A 6 2.40 -7.55 -0.08
C VAL A 6 3.06 -7.01 -1.35
N LYS A 7 3.28 -7.89 -2.33
CA LYS A 7 3.98 -7.56 -3.57
C LYS A 7 3.38 -6.38 -4.31
N CYS A 8 4.05 -5.22 -4.27
CA CYS A 8 3.68 -4.10 -5.14
C CYS A 8 3.97 -4.44 -6.59
N PHE A 9 3.00 -4.15 -7.45
CA PHE A 9 3.28 -3.83 -8.84
C PHE A 9 3.77 -2.37 -8.94
N ALA A 10 3.26 -1.50 -8.06
CA ALA A 10 3.53 -0.07 -8.08
C ALA A 10 2.92 0.56 -6.83
N SER A 11 3.44 1.70 -6.42
CA SER A 11 2.92 2.49 -5.30
C SER A 11 1.41 2.67 -5.37
N SER A 12 0.87 3.01 -6.54
CA SER A 12 -0.55 3.25 -6.67
C SER A 12 -1.41 2.02 -6.40
N GLU A 13 -0.81 0.82 -6.30
CA GLU A 13 -1.55 -0.33 -5.80
C GLU A 13 -1.72 -0.19 -4.28
N CYS A 14 -0.65 0.11 -3.55
CA CYS A 14 -0.62 0.26 -2.11
C CYS A 14 -1.74 1.15 -1.64
N TRP A 15 -2.10 2.07 -2.53
CA TRP A 15 -3.22 2.97 -2.31
C TRP A 15 -4.46 2.11 -2.21
N THR A 16 -4.87 1.48 -3.32
CA THR A 16 -5.95 0.53 -3.35
C THR A 16 -5.78 -0.59 -2.31
N ALA A 17 -4.57 -0.98 -1.90
CA ALA A 17 -4.38 -1.96 -0.84
C ALA A 17 -4.93 -1.42 0.47
N CYS A 18 -4.49 -0.22 0.85
CA CYS A 18 -4.97 0.41 2.07
C CYS A 18 -6.46 0.66 1.97
N LYS A 19 -6.96 0.96 0.76
CA LYS A 19 -8.38 1.14 0.57
C LYS A 19 -9.15 -0.15 0.80
N LYS A 20 -8.71 -1.21 0.12
CA LYS A 20 -9.27 -2.55 0.21
C LYS A 20 -9.38 -2.97 1.68
N VAL A 21 -8.35 -2.74 2.50
CA VAL A 21 -8.33 -3.07 3.89
C VAL A 21 -9.15 -2.06 4.68
N THR A 22 -8.66 -0.82 4.79
CA THR A 22 -9.24 0.16 5.69
C THR A 22 -10.18 1.11 4.95
N GLY A 23 -9.71 1.66 3.83
CA GLY A 23 -10.27 2.83 3.16
C GLY A 23 -9.23 3.94 2.99
N SER A 24 -8.13 3.87 3.75
CA SER A 24 -7.19 4.97 3.94
C SER A 24 -6.21 5.06 2.78
N GLY A 25 -6.71 5.35 1.57
CA GLY A 25 -6.07 5.00 0.33
C GLY A 25 -4.79 5.76 -0.07
N GLN A 26 -3.88 6.08 0.85
CA GLN A 26 -2.69 6.87 0.61
C GLN A 26 -1.46 6.07 1.04
N GLY A 27 -0.40 5.99 0.23
CA GLY A 27 0.77 5.19 0.58
C GLY A 27 1.83 5.27 -0.52
N LYS A 28 2.79 4.34 -0.50
CA LYS A 28 3.70 4.10 -1.61
C LYS A 28 4.29 2.70 -1.47
N CYS A 29 4.76 2.13 -2.58
CA CYS A 29 5.34 0.79 -2.58
C CYS A 29 6.83 0.90 -2.34
N GLN A 30 7.46 -0.22 -2.01
CA GLN A 30 8.88 -0.32 -1.77
C GLN A 30 9.29 -1.70 -2.25
N ASN A 31 10.12 -1.79 -3.28
CA ASN A 31 10.74 -3.05 -3.66
C ASN A 31 9.68 -3.97 -4.31
N ASN A 32 8.91 -4.69 -3.49
CA ASN A 32 7.66 -5.39 -3.75
C ASN A 32 7.05 -5.63 -2.36
N GLN A 33 6.89 -4.53 -1.63
CA GLN A 33 6.30 -4.37 -0.32
C GLN A 33 5.58 -3.03 -0.40
N CYS A 34 4.82 -2.60 0.60
CA CYS A 34 4.03 -1.40 0.46
C CYS A 34 3.79 -0.80 1.84
N ARG A 35 3.48 0.50 1.90
CA ARG A 35 3.36 1.23 3.14
C ARG A 35 2.30 2.31 3.00
N CYS A 36 1.49 2.52 4.05
CA CYS A 36 0.28 3.33 4.01
C CYS A 36 0.35 4.47 5.02
N TYR A 37 -0.27 5.60 4.71
CA TYR A 37 -0.24 6.84 5.46
C TYR A 37 -1.65 7.39 5.63
N PHE A 1 3.07 4.63 7.69
CA PHE A 1 2.24 4.52 8.88
C PHE A 1 1.70 3.10 8.94
N GLY A 2 0.85 2.77 7.97
CA GLY A 2 0.65 1.44 7.46
C GLY A 2 1.96 0.86 6.97
N LEU A 3 2.26 -0.40 7.25
CA LEU A 3 3.33 -1.11 6.57
C LEU A 3 2.96 -2.58 6.41
N ILE A 4 3.12 -3.09 5.19
CA ILE A 4 2.53 -4.32 4.73
C ILE A 4 3.55 -4.95 3.77
N ASP A 5 3.42 -6.26 3.53
CA ASP A 5 4.39 -7.03 2.76
C ASP A 5 3.72 -7.66 1.54
N VAL A 6 2.72 -6.99 0.97
CA VAL A 6 2.15 -7.42 -0.29
C VAL A 6 3.03 -6.89 -1.42
N LYS A 7 3.34 -7.76 -2.37
CA LYS A 7 4.25 -7.55 -3.46
C LYS A 7 3.75 -6.48 -4.43
N CYS A 8 4.20 -5.24 -4.21
CA CYS A 8 3.90 -4.15 -5.14
C CYS A 8 4.43 -4.48 -6.53
N PHE A 9 3.58 -4.20 -7.52
CA PHE A 9 3.93 -3.88 -8.88
C PHE A 9 4.08 -2.35 -8.99
N ALA A 10 3.38 -1.58 -8.14
CA ALA A 10 3.47 -0.11 -8.14
C ALA A 10 3.03 0.46 -6.80
N SER A 11 3.37 1.71 -6.51
CA SER A 11 2.92 2.46 -5.36
C SER A 11 1.40 2.65 -5.38
N SER A 12 0.86 3.01 -6.53
CA SER A 12 -0.57 3.25 -6.67
C SER A 12 -1.38 2.04 -6.21
N GLU A 13 -0.83 0.84 -6.40
CA GLU A 13 -1.41 -0.38 -5.88
C GLU A 13 -1.69 -0.29 -4.38
N CYS A 14 -0.70 0.18 -3.60
CA CYS A 14 -0.74 0.32 -2.17
C CYS A 14 -1.91 1.17 -1.78
N TRP A 15 -2.26 2.10 -2.67
CA TRP A 15 -3.38 2.99 -2.41
C TRP A 15 -4.64 2.13 -2.34
N THR A 16 -4.99 1.50 -3.47
CA THR A 16 -6.06 0.54 -3.55
C THR A 16 -5.93 -0.54 -2.47
N ALA A 17 -4.72 -0.98 -2.11
CA ALA A 17 -4.57 -2.02 -1.11
C ALA A 17 -5.08 -1.54 0.24
N CYS A 18 -4.56 -0.42 0.73
CA CYS A 18 -4.99 0.15 2.00
C CYS A 18 -6.48 0.42 1.99
N LYS A 19 -6.97 0.86 0.83
CA LYS A 19 -8.37 1.11 0.64
C LYS A 19 -9.22 -0.15 0.79
N LYS A 20 -8.83 -1.22 0.09
CA LYS A 20 -9.51 -2.51 0.15
C LYS A 20 -9.70 -2.96 1.60
N VAL A 21 -8.64 -2.99 2.40
CA VAL A 21 -8.75 -3.36 3.81
C VAL A 21 -9.53 -2.30 4.60
N THR A 22 -8.98 -1.09 4.68
CA THR A 22 -9.27 -0.16 5.75
C THR A 22 -9.92 1.10 5.21
N GLY A 23 -9.49 1.56 4.03
CA GLY A 23 -10.01 2.77 3.39
C GLY A 23 -8.96 3.87 3.22
N SER A 24 -7.82 3.76 3.91
CA SER A 24 -6.85 4.85 4.07
C SER A 24 -5.96 4.93 2.83
N GLY A 25 -6.53 5.30 1.69
CA GLY A 25 -5.94 5.01 0.38
C GLY A 25 -4.71 5.84 -0.03
N GLN A 26 -3.82 6.18 0.89
CA GLN A 26 -2.66 7.02 0.68
C GLN A 26 -1.42 6.23 1.07
N GLY A 27 -0.42 6.12 0.19
CA GLY A 27 0.75 5.29 0.48
C GLY A 27 1.76 5.34 -0.65
N LYS A 28 2.81 4.51 -0.57
CA LYS A 28 3.72 4.19 -1.66
C LYS A 28 4.23 2.76 -1.43
N CYS A 29 4.69 2.12 -2.50
CA CYS A 29 5.23 0.78 -2.43
C CYS A 29 6.72 0.88 -2.15
N GLN A 30 7.29 -0.11 -1.49
CA GLN A 30 8.71 -0.19 -1.19
C GLN A 30 9.19 -1.52 -1.77
N ASN A 31 10.03 -1.50 -2.80
CA ASN A 31 10.63 -2.71 -3.35
C ASN A 31 9.54 -3.63 -3.91
N ASN A 32 8.99 -4.52 -3.08
CA ASN A 32 7.75 -5.26 -3.28
C ASN A 32 7.14 -5.54 -1.91
N GLN A 33 6.93 -4.46 -1.16
CA GLN A 33 6.14 -4.32 0.04
C GLN A 33 5.36 -3.03 -0.17
N CYS A 34 4.52 -2.59 0.77
CA CYS A 34 3.73 -1.39 0.58
C CYS A 34 3.46 -0.75 1.92
N ARG A 35 3.38 0.58 1.96
CA ARG A 35 3.27 1.33 3.19
C ARG A 35 2.29 2.46 2.99
N CYS A 36 1.43 2.64 3.99
CA CYS A 36 0.20 3.41 3.87
C CYS A 36 0.15 4.48 4.96
N TYR A 37 -0.77 5.45 4.84
CA TYR A 37 -1.13 6.37 5.92
C TYR A 37 -2.21 5.73 6.79
N PHE A 1 -1.58 2.82 10.55
CA PHE A 1 -0.83 3.10 9.33
C PHE A 1 0.49 2.35 9.41
N GLY A 2 1.31 2.44 8.36
CA GLY A 2 2.70 2.01 8.36
C GLY A 2 2.97 1.02 7.24
N LEU A 3 3.70 -0.05 7.54
CA LEU A 3 4.30 -0.94 6.54
C LEU A 3 3.64 -2.30 6.49
N ILE A 4 3.56 -2.85 5.28
CA ILE A 4 2.81 -4.04 4.96
C ILE A 4 3.75 -4.93 4.14
N ASP A 5 3.36 -6.17 3.86
CA ASP A 5 4.08 -6.99 2.88
C ASP A 5 3.09 -7.67 1.94
N VAL A 6 2.71 -6.89 0.92
CA VAL A 6 2.11 -7.40 -0.30
C VAL A 6 2.94 -6.85 -1.48
N LYS A 7 3.20 -7.71 -2.48
CA LYS A 7 4.14 -7.45 -3.54
C LYS A 7 3.65 -6.33 -4.47
N CYS A 8 4.25 -5.14 -4.38
CA CYS A 8 3.93 -4.06 -5.31
C CYS A 8 4.37 -4.40 -6.73
N PHE A 9 3.44 -4.23 -7.65
CA PHE A 9 3.69 -3.84 -9.02
C PHE A 9 3.93 -2.33 -9.05
N ALA A 10 3.24 -1.55 -8.21
CA ALA A 10 3.37 -0.09 -8.21
C ALA A 10 2.85 0.53 -6.91
N SER A 11 3.35 1.72 -6.55
CA SER A 11 2.86 2.49 -5.42
C SER A 11 1.35 2.68 -5.45
N SER A 12 0.79 2.94 -6.63
CA SER A 12 -0.64 3.16 -6.79
C SER A 12 -1.47 1.96 -6.35
N GLU A 13 -0.86 0.77 -6.28
CA GLU A 13 -1.49 -0.44 -5.80
C GLU A 13 -1.69 -0.38 -4.29
N CYS A 14 -0.67 0.08 -3.57
CA CYS A 14 -0.64 0.23 -2.14
C CYS A 14 -1.81 1.09 -1.71
N TRP A 15 -2.20 1.98 -2.61
CA TRP A 15 -3.32 2.87 -2.36
C TRP A 15 -4.57 2.01 -2.22
N THR A 16 -5.00 1.41 -3.34
CA THR A 16 -6.12 0.49 -3.37
C THR A 16 -5.94 -0.66 -2.37
N ALA A 17 -4.71 -1.04 -2.00
CA ALA A 17 -4.50 -2.03 -0.96
C ALA A 17 -5.00 -1.49 0.38
N CYS A 18 -4.49 -0.31 0.79
CA CYS A 18 -4.89 0.35 2.02
C CYS A 18 -6.39 0.56 2.05
N LYS A 19 -6.94 0.89 0.89
CA LYS A 19 -8.36 1.06 0.74
C LYS A 19 -9.09 -0.26 1.00
N LYS A 20 -8.67 -1.31 0.30
CA LYS A 20 -9.26 -2.63 0.41
C LYS A 20 -9.31 -3.14 1.84
N VAL A 21 -8.28 -2.93 2.66
CA VAL A 21 -8.36 -3.20 4.07
C VAL A 21 -9.32 -2.22 4.77
N THR A 22 -9.01 -0.92 4.70
CA THR A 22 -9.68 0.09 5.51
C THR A 22 -10.48 1.03 4.63
N GLY A 23 -9.77 1.79 3.80
CA GLY A 23 -10.35 2.89 3.02
C GLY A 23 -9.37 4.03 2.78
N SER A 24 -8.35 4.18 3.63
CA SER A 24 -7.48 5.35 3.66
C SER A 24 -6.41 5.22 2.57
N GLY A 25 -6.81 5.38 1.31
CA GLY A 25 -6.05 4.96 0.14
C GLY A 25 -4.78 5.76 -0.19
N GLN A 26 -3.88 5.97 0.76
CA GLN A 26 -2.80 6.94 0.70
C GLN A 26 -1.48 6.28 1.10
N GLY A 27 -0.63 5.93 0.12
CA GLY A 27 0.54 5.11 0.40
C GLY A 27 1.60 5.19 -0.70
N LYS A 28 2.56 4.26 -0.66
CA LYS A 28 3.64 4.16 -1.63
C LYS A 28 4.25 2.77 -1.49
N CYS A 29 4.68 2.17 -2.61
CA CYS A 29 5.26 0.85 -2.57
C CYS A 29 6.76 0.98 -2.31
N GLN A 30 7.39 -0.10 -1.88
CA GLN A 30 8.83 -0.19 -1.76
C GLN A 30 9.24 -1.59 -2.16
N ASN A 31 10.25 -1.71 -3.01
CA ASN A 31 10.87 -2.99 -3.32
C ASN A 31 9.86 -3.91 -4.01
N ASN A 32 9.13 -4.73 -3.24
CA ASN A 32 7.85 -5.35 -3.56
C ASN A 32 7.18 -5.63 -2.21
N GLN A 33 6.91 -4.54 -1.50
CA GLN A 33 6.18 -4.36 -0.26
C GLN A 33 5.52 -3.00 -0.39
N CYS A 34 4.77 -2.53 0.59
CA CYS A 34 4.02 -1.30 0.47
C CYS A 34 3.82 -0.69 1.84
N ARG A 35 3.51 0.61 1.85
CA ARG A 35 3.26 1.38 3.05
C ARG A 35 2.08 2.29 2.83
N CYS A 36 1.37 2.63 3.92
CA CYS A 36 0.20 3.50 3.90
C CYS A 36 0.32 4.47 5.07
N TYR A 37 -0.02 5.74 4.83
CA TYR A 37 0.54 6.84 5.60
C TYR A 37 -0.21 7.12 6.90
N PHE A 1 3.61 4.99 6.22
CA PHE A 1 3.48 5.03 7.67
C PHE A 1 3.18 3.63 8.19
N GLY A 2 2.23 2.96 7.53
CA GLY A 2 1.90 1.55 7.59
C GLY A 2 3.13 0.64 7.48
N LEU A 3 2.95 -0.69 7.48
CA LEU A 3 3.86 -1.57 6.80
C LEU A 3 3.09 -2.83 6.49
N ILE A 4 3.10 -3.28 5.23
CA ILE A 4 2.32 -4.39 4.76
C ILE A 4 3.22 -5.19 3.82
N ASP A 5 2.90 -6.45 3.60
CA ASP A 5 3.73 -7.40 2.88
C ASP A 5 3.39 -7.45 1.39
N VAL A 6 2.30 -6.82 0.96
CA VAL A 6 1.71 -7.16 -0.32
C VAL A 6 2.58 -6.66 -1.47
N LYS A 7 2.80 -7.55 -2.46
CA LYS A 7 3.67 -7.35 -3.59
C LYS A 7 3.29 -6.11 -4.39
N CYS A 8 4.02 -5.01 -4.19
CA CYS A 8 3.89 -3.85 -5.07
C CYS A 8 4.43 -4.21 -6.44
N PHE A 9 3.63 -3.94 -7.47
CA PHE A 9 4.15 -3.61 -8.79
C PHE A 9 4.30 -2.09 -8.90
N ALA A 10 3.66 -1.33 -8.01
CA ALA A 10 3.68 0.13 -8.03
C ALA A 10 3.06 0.65 -6.74
N SER A 11 3.55 1.80 -6.26
CA SER A 11 2.97 2.56 -5.16
C SER A 11 1.47 2.73 -5.31
N SER A 12 1.01 2.97 -6.53
CA SER A 12 -0.39 3.20 -6.81
C SER A 12 -1.25 1.99 -6.43
N GLU A 13 -0.69 0.77 -6.37
CA GLU A 13 -1.48 -0.36 -5.90
C GLU A 13 -1.71 -0.21 -4.41
N CYS A 14 -0.67 0.08 -3.62
CA CYS A 14 -0.69 0.21 -2.17
C CYS A 14 -1.84 1.08 -1.73
N TRP A 15 -2.22 1.99 -2.63
CA TRP A 15 -3.35 2.86 -2.41
C TRP A 15 -4.59 1.99 -2.35
N THR A 16 -4.95 1.39 -3.49
CA THR A 16 -6.02 0.42 -3.57
C THR A 16 -5.84 -0.71 -2.55
N ALA A 17 -4.63 -1.06 -2.11
CA ALA A 17 -4.40 -2.07 -1.09
C ALA A 17 -4.95 -1.61 0.26
N CYS A 18 -4.42 -0.51 0.79
CA CYS A 18 -4.88 0.02 2.06
C CYS A 18 -6.38 0.33 2.00
N LYS A 19 -6.88 0.68 0.81
CA LYS A 19 -8.29 0.84 0.58
C LYS A 19 -9.07 -0.47 0.66
N LYS A 20 -8.60 -1.50 -0.06
CA LYS A 20 -9.21 -2.84 -0.09
C LYS A 20 -9.44 -3.34 1.34
N VAL A 21 -8.42 -3.26 2.21
CA VAL A 21 -8.61 -3.59 3.61
C VAL A 21 -9.51 -2.56 4.32
N THR A 22 -9.05 -1.32 4.45
CA THR A 22 -9.54 -0.41 5.44
C THR A 22 -10.25 0.77 4.78
N GLY A 23 -9.60 1.39 3.79
CA GLY A 23 -10.06 2.63 3.17
C GLY A 23 -8.94 3.67 3.02
N SER A 24 -7.82 3.48 3.74
CA SER A 24 -6.81 4.51 3.96
C SER A 24 -5.90 4.69 2.75
N GLY A 25 -6.45 5.08 1.61
CA GLY A 25 -5.81 4.86 0.32
C GLY A 25 -4.56 5.69 0.02
N GLN A 26 -4.10 6.55 0.95
CA GLN A 26 -2.96 7.42 0.72
C GLN A 26 -1.70 6.68 1.16
N GLY A 27 -0.81 6.30 0.22
CA GLY A 27 0.30 5.42 0.56
C GLY A 27 1.40 5.38 -0.49
N LYS A 28 2.24 4.34 -0.42
CA LYS A 28 3.41 4.18 -1.28
C LYS A 28 3.98 2.77 -1.11
N CYS A 29 4.61 2.24 -2.17
CA CYS A 29 5.21 0.92 -2.12
C CYS A 29 6.68 1.06 -1.76
N GLN A 30 7.26 -0.04 -1.29
CA GLN A 30 8.69 -0.20 -1.17
C GLN A 30 8.98 -1.59 -1.71
N ASN A 31 9.96 -1.75 -2.60
CA ASN A 31 10.53 -3.04 -2.91
C ASN A 31 9.51 -3.92 -3.63
N ASN A 32 8.73 -4.71 -2.88
CA ASN A 32 7.49 -5.38 -3.26
C ASN A 32 6.71 -5.62 -1.96
N GLN A 33 6.52 -4.53 -1.23
CA GLN A 33 5.84 -4.39 0.05
C GLN A 33 5.30 -2.95 0.02
N CYS A 34 4.56 -2.50 1.03
CA CYS A 34 3.79 -1.28 0.85
C CYS A 34 3.41 -0.67 2.19
N ARG A 35 2.93 0.58 2.15
CA ARG A 35 2.50 1.35 3.31
C ARG A 35 1.35 2.26 2.91
N CYS A 36 0.61 2.70 3.93
CA CYS A 36 -0.28 3.84 3.82
C CYS A 36 -0.05 4.79 4.97
N TYR A 37 -0.76 5.91 4.99
CA TYR A 37 -0.55 6.99 5.93
C TYR A 37 -1.07 6.65 7.33
N PHE A 1 3.15 4.73 7.95
CA PHE A 1 2.38 4.30 9.10
C PHE A 1 1.99 2.83 8.95
N GLY A 2 1.20 2.56 7.91
CA GLY A 2 0.94 1.22 7.45
C GLY A 2 2.27 0.61 6.98
N LEU A 3 2.53 -0.66 7.27
CA LEU A 3 3.58 -1.40 6.57
C LEU A 3 3.19 -2.85 6.39
N ILE A 4 3.27 -3.33 5.16
CA ILE A 4 2.60 -4.52 4.70
C ILE A 4 3.56 -5.19 3.72
N ASP A 5 3.39 -6.49 3.47
CA ASP A 5 4.33 -7.28 2.65
C ASP A 5 3.66 -7.90 1.43
N VAL A 6 2.63 -7.20 0.93
CA VAL A 6 2.00 -7.56 -0.34
C VAL A 6 2.77 -6.90 -1.47
N LYS A 7 3.04 -7.68 -2.51
CA LYS A 7 4.00 -7.39 -3.56
C LYS A 7 3.55 -6.25 -4.46
N CYS A 8 4.21 -5.10 -4.30
CA CYS A 8 4.07 -3.95 -5.17
C CYS A 8 4.53 -4.30 -6.57
N PHE A 9 3.65 -4.05 -7.53
CA PHE A 9 4.00 -3.77 -8.92
C PHE A 9 4.36 -2.28 -9.04
N ALA A 10 3.89 -1.45 -8.11
CA ALA A 10 4.04 -0.01 -8.08
C ALA A 10 3.44 0.48 -6.77
N SER A 11 3.48 1.79 -6.52
CA SER A 11 2.83 2.45 -5.39
C SER A 11 1.32 2.49 -5.50
N SER A 12 0.78 2.61 -6.72
CA SER A 12 -0.64 2.83 -6.94
C SER A 12 -1.48 1.77 -6.22
N GLU A 13 -1.19 0.52 -6.53
CA GLU A 13 -1.47 -0.68 -5.79
C GLU A 13 -1.72 -0.49 -4.29
N CYS A 14 -0.74 0.07 -3.57
CA CYS A 14 -0.71 0.20 -2.14
C CYS A 14 -1.89 1.04 -1.70
N TRP A 15 -2.31 1.91 -2.60
CA TRP A 15 -3.41 2.81 -2.32
C TRP A 15 -4.67 1.96 -2.26
N THR A 16 -5.03 1.34 -3.40
CA THR A 16 -6.14 0.41 -3.49
C THR A 16 -6.00 -0.70 -2.45
N ALA A 17 -4.79 -1.10 -2.05
CA ALA A 17 -4.62 -2.05 -0.97
C ALA A 17 -5.16 -1.47 0.33
N CYS A 18 -4.64 -0.32 0.77
CA CYS A 18 -5.09 0.30 2.00
C CYS A 18 -6.58 0.60 1.96
N LYS A 19 -7.09 0.91 0.77
CA LYS A 19 -8.49 1.13 0.56
C LYS A 19 -9.30 -0.14 0.82
N LYS A 20 -8.95 -1.19 0.08
CA LYS A 20 -9.62 -2.48 0.19
C LYS A 20 -9.57 -3.02 1.63
N VAL A 21 -8.46 -2.83 2.35
CA VAL A 21 -8.32 -3.22 3.71
C VAL A 21 -9.19 -2.33 4.59
N THR A 22 -8.91 -1.02 4.59
CA THR A 22 -9.37 -0.10 5.59
C THR A 22 -10.22 1.02 4.96
N GLY A 23 -9.76 1.61 3.85
CA GLY A 23 -10.36 2.78 3.21
C GLY A 23 -9.35 3.91 3.01
N SER A 24 -8.25 3.89 3.76
CA SER A 24 -7.34 5.01 3.92
C SER A 24 -6.33 5.02 2.77
N GLY A 25 -6.84 5.27 1.56
CA GLY A 25 -6.17 4.92 0.30
C GLY A 25 -4.94 5.74 -0.09
N GLN A 26 -4.04 6.08 0.84
CA GLN A 26 -2.89 6.94 0.61
C GLN A 26 -1.64 6.25 1.15
N GLY A 27 -0.63 6.06 0.30
CA GLY A 27 0.58 5.34 0.66
C GLY A 27 1.57 5.37 -0.50
N LYS A 28 2.60 4.52 -0.45
CA LYS A 28 3.44 4.18 -1.59
C LYS A 28 4.02 2.80 -1.33
N CYS A 29 4.58 2.20 -2.40
CA CYS A 29 5.22 0.92 -2.26
C CYS A 29 6.67 1.14 -1.81
N GLN A 30 7.30 0.06 -1.35
CA GLN A 30 8.73 -0.02 -1.17
C GLN A 30 9.13 -1.39 -1.69
N ASN A 31 10.12 -1.47 -2.57
CA ASN A 31 10.77 -2.72 -2.92
C ASN A 31 9.80 -3.64 -3.69
N ASN A 32 9.06 -4.48 -2.98
CA ASN A 32 7.84 -5.16 -3.40
C ASN A 32 7.05 -5.46 -2.12
N GLN A 33 6.76 -4.39 -1.39
CA GLN A 33 6.02 -4.31 -0.15
C GLN A 33 5.38 -2.92 -0.18
N CYS A 34 4.56 -2.53 0.79
CA CYS A 34 3.79 -1.31 0.65
C CYS A 34 3.43 -0.74 2.01
N ARG A 35 3.22 0.59 2.05
CA ARG A 35 3.10 1.36 3.27
C ARG A 35 2.09 2.48 3.10
N CYS A 36 1.12 2.57 4.02
CA CYS A 36 0.12 3.60 4.01
C CYS A 36 0.46 4.72 4.99
N TYR A 37 -0.17 5.88 4.82
CA TYR A 37 0.16 7.10 5.55
C TYR A 37 -0.49 7.11 6.93
N PHE A 1 4.55 4.97 9.30
CA PHE A 1 3.26 4.68 8.66
C PHE A 1 3.02 3.17 8.57
N GLY A 2 1.92 2.78 7.92
CA GLY A 2 1.61 1.41 7.59
C GLY A 2 2.84 0.67 7.08
N LEU A 3 3.00 -0.61 7.42
CA LEU A 3 3.98 -1.47 6.79
C LEU A 3 3.32 -2.83 6.66
N ILE A 4 3.36 -3.40 5.45
CA ILE A 4 2.54 -4.54 5.10
C ILE A 4 3.44 -5.58 4.43
N ASP A 5 2.87 -6.68 3.94
CA ASP A 5 3.56 -7.51 2.95
C ASP A 5 2.58 -8.04 1.91
N VAL A 6 2.34 -7.19 0.93
CA VAL A 6 1.79 -7.58 -0.36
C VAL A 6 2.70 -6.95 -1.41
N LYS A 7 3.07 -7.74 -2.40
CA LYS A 7 4.10 -7.43 -3.38
C LYS A 7 3.64 -6.29 -4.29
N CYS A 8 4.27 -5.12 -4.15
CA CYS A 8 4.00 -3.98 -5.01
C CYS A 8 4.32 -4.32 -6.45
N PHE A 9 3.33 -4.07 -7.30
CA PHE A 9 3.53 -3.87 -8.73
C PHE A 9 3.76 -2.38 -9.00
N ALA A 10 3.43 -1.51 -8.03
CA ALA A 10 3.52 -0.05 -8.13
C ALA A 10 3.04 0.56 -6.83
N SER A 11 3.53 1.76 -6.49
CA SER A 11 3.03 2.54 -5.36
C SER A 11 1.52 2.76 -5.44
N SER A 12 1.00 2.99 -6.65
CA SER A 12 -0.41 3.20 -6.86
C SER A 12 -1.23 1.99 -6.41
N GLU A 13 -0.65 0.79 -6.35
CA GLU A 13 -1.35 -0.35 -5.83
C GLU A 13 -1.62 -0.16 -4.33
N CYS A 14 -0.56 0.17 -3.58
CA CYS A 14 -0.58 0.35 -2.13
C CYS A 14 -1.73 1.24 -1.71
N TRP A 15 -2.12 2.12 -2.63
CA TRP A 15 -3.30 2.94 -2.44
C TRP A 15 -4.52 2.03 -2.36
N THR A 16 -4.84 1.34 -3.46
CA THR A 16 -5.90 0.35 -3.49
C THR A 16 -5.71 -0.70 -2.39
N ALA A 17 -4.49 -1.06 -1.96
CA ALA A 17 -4.34 -1.96 -0.82
C ALA A 17 -4.91 -1.33 0.45
N CYS A 18 -4.45 -0.13 0.78
CA CYS A 18 -4.92 0.62 1.94
C CYS A 18 -6.44 0.76 1.88
N LYS A 19 -6.98 0.97 0.66
CA LYS A 19 -8.41 1.08 0.44
C LYS A 19 -9.12 -0.25 0.72
N LYS A 20 -8.66 -1.30 0.07
CA LYS A 20 -9.20 -2.64 0.17
C LYS A 20 -9.25 -3.08 1.64
N VAL A 21 -8.24 -2.73 2.44
CA VAL A 21 -8.16 -3.02 3.83
C VAL A 21 -9.08 -2.08 4.61
N THR A 22 -8.81 -0.77 4.54
CA THR A 22 -9.35 0.19 5.49
C THR A 22 -9.91 1.46 4.83
N GLY A 23 -10.14 1.49 3.52
CA GLY A 23 -10.70 2.64 2.81
C GLY A 23 -9.71 3.80 2.59
N SER A 24 -8.70 3.92 3.44
CA SER A 24 -7.89 5.12 3.63
C SER A 24 -6.80 5.22 2.55
N GLY A 25 -7.19 5.35 1.29
CA GLY A 25 -6.39 4.99 0.12
C GLY A 25 -5.12 5.80 -0.20
N GLN A 26 -4.22 6.03 0.76
CA GLN A 26 -3.06 6.90 0.62
C GLN A 26 -1.81 6.17 1.12
N GLY A 27 -0.82 5.95 0.25
CA GLY A 27 0.40 5.22 0.61
C GLY A 27 1.43 5.27 -0.52
N LYS A 28 2.44 4.40 -0.46
CA LYS A 28 3.38 4.16 -1.55
C LYS A 28 4.06 2.81 -1.32
N CYS A 29 4.65 2.25 -2.38
CA CYS A 29 5.29 0.94 -2.30
C CYS A 29 6.76 1.13 -1.96
N GLN A 30 7.39 0.06 -1.51
CA GLN A 30 8.83 -0.04 -1.40
C GLN A 30 9.20 -1.40 -1.98
N ASN A 31 10.21 -1.45 -2.83
CA ASN A 31 10.82 -2.70 -3.26
C ASN A 31 9.81 -3.59 -4.03
N ASN A 32 9.05 -4.40 -3.29
CA ASN A 32 7.84 -5.13 -3.67
C ASN A 32 7.18 -5.47 -2.33
N GLN A 33 6.79 -4.42 -1.63
CA GLN A 33 6.17 -4.37 -0.32
C GLN A 33 5.55 -2.96 -0.27
N CYS A 34 4.79 -2.57 0.75
CA CYS A 34 4.02 -1.35 0.67
C CYS A 34 3.78 -0.76 2.05
N ARG A 35 3.44 0.54 2.07
CA ARG A 35 3.13 1.31 3.25
C ARG A 35 1.97 2.22 2.95
N CYS A 36 1.19 2.53 3.99
CA CYS A 36 0.02 3.38 3.84
C CYS A 36 -0.35 4.11 5.13
N TYR A 37 -1.02 5.26 5.02
CA TYR A 37 -1.31 6.09 6.17
C TYR A 37 -2.52 5.56 6.94
#